data_4XVS
#
_entry.id   4XVS
#
_cell.length_a   67.641
_cell.length_b   69.334
_cell.length_c   200.546
_cell.angle_alpha   90.00
_cell.angle_beta   90.00
_cell.angle_gamma   90.00
#
_symmetry.space_group_name_H-M   'P 21 21 21'
#
loop_
_entity.id
_entity.type
_entity.pdbx_description
1 polymer 'VRC07_1995 45-VRC01.H01+07.O-863513/45-VRC01.L01+07.O-110653 Heavy chain'
2 polymer '45-VRC01.H01+07.O-863513/45-VRC01.L01+07.O-110653 Light chain'
3 polymer 'Donor 45 01dG5 coreE gp120'
4 non-polymer 2-acetamido-2-deoxy-beta-D-glucopyranose
5 water water
#
loop_
_entity_poly.entity_id
_entity_poly.type
_entity_poly.pdbx_seq_one_letter_code
_entity_poly.pdbx_strand_id
1 'polypeptide(L)'
;QVQLLQSGAQVKKTGASMRISCKTSGYTFLNCPINWVRQAPGRGLEWMGWMKPRGGAVNYPQKFQGRVTMTRDMSTDTAF
LDMSNLRSDDTAVYFCARGKYCTASDYYNWDFEHWGRGTLVTVSSPATKGPSVFPLAPSSKSTSGGTAALGCLVKDYFPE
PVTVSWNSGALTSGVHTFPAVLQSSGLYSLSSVVTVPSSSLGTQTYICNVNHKPSNTKVDKKVEPKSC
;
H
2 'polypeptide(L)'
;EIVLTQSPGTLSLSPGERATLSCRTSQYGSLAWYQQRPGQAPRLVIYGGSSRATGIPDRFTGSRSGADYTLTINRLEPED
FGIYYCQQYEFFGQGTKVEVDIKRTVAAPSVFIFPPSDEQLKSGTASVVCLLNNFYPREAKVQWKVDNALQSGNSQESVT
EQDSKDSTYSLSSTLTLSKADYEKHKVYACEVTHQGLASPVTKSFNRGEC
;
L
3 'polypeptide(L)'
;VWKEATATLFCASDAKAYETEVHNVWATHACVPTDPNPQEVVLENVTENFNMWKNNMVEQMHEDIISLWDQSLKPCVKLT
GGSVITQACPKISFEPIPIHYCAPAGFAILKCNDKKFNGTGPCTNVSTVQCTHGIRPVVSTQLLLNGSLAEEEIVIRSEN
IKDNAKIIIVQLNETVEINCTRPNNGGSGSGGDIRQAHCNISKAKWENTLKQIARKLREHFKNETIAFNQSSGGDPEIVM
HSFNCGGEFFYCNSTQLFNSTWTWNDTEVVNNTEKNINITLPCRIKQIINMWQEVGKAMYAPPIKGQIRCSSNITGLLLT
RDGGSSTNGTTETFRPGGGDMRDNWRSELYKYKVVKIEGSLEVLFQGPGHHHHHH
;
G
#
loop_
_chem_comp.id
_chem_comp.type
_chem_comp.name
_chem_comp.formula
NAG D-saccharide, beta linking 2-acetamido-2-deoxy-beta-D-glucopyranose 'C8 H15 N O6'
#
# COMPACT_ATOMS: atom_id res chain seq x y z
N GLN A 1 19.41 -7.72 -3.41
CA GLN A 1 18.12 -7.62 -4.09
C GLN A 1 16.98 -7.46 -3.08
N VAL A 2 16.17 -6.40 -3.26
CA VAL A 2 15.01 -6.13 -2.40
C VAL A 2 13.96 -7.21 -2.69
N GLN A 3 13.44 -7.86 -1.62
CA GLN A 3 12.44 -8.91 -1.77
C GLN A 3 11.27 -8.74 -0.82
N LEU A 4 10.04 -8.94 -1.35
CA LEU A 4 8.78 -8.84 -0.61
C LEU A 4 8.07 -10.21 -0.73
N LEU A 5 8.12 -11.02 0.34
CA LEU A 5 7.55 -12.37 0.35
C LEU A 5 6.19 -12.39 1.04
N GLN A 6 5.12 -12.60 0.26
CA GLN A 6 3.75 -12.63 0.77
C GLN A 6 3.25 -14.02 1.12
N SER A 7 2.37 -14.10 2.13
CA SER A 7 1.77 -15.33 2.63
C SER A 7 0.82 -15.95 1.60
N GLY A 8 0.53 -17.25 1.75
CA GLY A 8 -0.32 -18.01 0.85
C GLY A 8 -1.76 -17.54 0.75
N ALA A 9 -2.43 -17.95 -0.32
CA ALA A 9 -3.82 -17.57 -0.55
C ALA A 9 -4.72 -18.01 0.59
N GLN A 10 -5.82 -17.29 0.77
CA GLN A 10 -6.78 -17.59 1.82
C GLN A 10 -8.22 -17.62 1.32
N VAL A 11 -9.03 -18.47 1.94
CA VAL A 11 -10.46 -18.63 1.64
C VAL A 11 -11.20 -18.29 2.93
N LYS A 12 -12.02 -17.24 2.89
CA LYS A 12 -12.72 -16.74 4.07
C LYS A 12 -14.24 -16.75 3.95
N LYS A 13 -14.93 -16.95 5.09
CA LYS A 13 -16.39 -16.91 5.16
C LYS A 13 -16.80 -15.45 5.33
N THR A 14 -17.94 -15.04 4.74
CA THR A 14 -18.45 -13.66 4.86
C THR A 14 -18.65 -13.35 6.34
N GLY A 15 -18.11 -12.22 6.78
CA GLY A 15 -18.19 -11.79 8.17
C GLY A 15 -16.97 -12.14 9.00
N ALA A 16 -16.05 -12.97 8.44
CA ALA A 16 -14.83 -13.35 9.15
C ALA A 16 -13.77 -12.24 9.12
N SER A 17 -12.64 -12.47 9.78
CA SER A 17 -11.49 -11.56 9.81
C SER A 17 -10.30 -12.25 9.16
N MET A 18 -9.34 -11.49 8.65
CA MET A 18 -8.13 -12.05 8.07
C MET A 18 -6.85 -11.36 8.52
N ARG A 19 -5.74 -12.04 8.33
CA ARG A 19 -4.38 -11.58 8.63
C ARG A 19 -3.49 -12.09 7.50
N ILE A 20 -2.87 -11.14 6.78
CA ILE A 20 -1.95 -11.41 5.67
C ILE A 20 -0.61 -10.88 6.10
N SER A 21 0.49 -11.52 5.64
CA SER A 21 1.81 -11.08 6.00
C SER A 21 2.70 -10.80 4.78
N CYS A 22 3.73 -9.99 4.99
CA CYS A 22 4.70 -9.63 3.97
C CYS A 22 6.08 -9.58 4.62
N LYS A 23 6.91 -10.60 4.34
CA LYS A 23 8.26 -10.69 4.90
C LYS A 23 9.27 -10.07 3.95
N THR A 24 9.94 -9.02 4.41
CA THR A 24 10.93 -8.27 3.63
C THR A 24 12.36 -8.76 3.88
N SER A 25 13.25 -8.49 2.89
CA SER A 25 14.69 -8.80 2.93
C SER A 25 15.41 -7.99 1.84
N GLY A 26 16.73 -7.90 1.95
CA GLY A 26 17.59 -7.21 1.00
C GLY A 26 17.81 -5.73 1.27
N TYR A 27 17.16 -5.18 2.31
CA TYR A 27 17.27 -3.78 2.71
C TYR A 27 16.96 -3.61 4.20
N THR A 28 17.23 -2.42 4.76
CA THR A 28 16.96 -2.10 6.16
C THR A 28 15.47 -1.81 6.29
N PHE A 29 14.70 -2.76 6.86
CA PHE A 29 13.25 -2.68 7.04
C PHE A 29 12.74 -1.38 7.68
N LEU A 30 13.49 -0.85 8.65
CA LEU A 30 13.22 0.40 9.39
C LEU A 30 13.08 1.64 8.50
N ASN A 31 13.85 1.69 7.40
CA ASN A 31 14.00 2.85 6.51
C ASN A 31 12.81 3.47 5.78
N CYS A 32 11.85 2.67 5.28
CA CYS A 32 10.74 3.28 4.55
C CYS A 32 9.37 2.64 4.73
N PRO A 33 8.27 3.31 4.30
CA PRO A 33 6.94 2.72 4.50
C PRO A 33 6.65 1.50 3.64
N ILE A 34 5.70 0.69 4.13
CA ILE A 34 5.15 -0.45 3.41
C ILE A 34 3.75 -0.02 3.03
N ASN A 35 3.36 -0.27 1.79
CA ASN A 35 2.03 0.07 1.30
C ASN A 35 1.29 -1.22 0.98
N TRP A 36 -0.04 -1.18 1.09
CA TRP A 36 -0.92 -2.28 0.72
C TRP A 36 -1.82 -1.76 -0.39
N VAL A 37 -1.88 -2.52 -1.50
CA VAL A 37 -2.66 -2.18 -2.70
C VAL A 37 -3.49 -3.42 -3.08
N ARG A 38 -4.81 -3.25 -3.23
CA ARG A 38 -5.71 -4.35 -3.57
C ARG A 38 -6.21 -4.28 -5.00
N GLN A 39 -6.65 -5.42 -5.53
CA GLN A 39 -7.19 -5.52 -6.88
C GLN A 39 -8.28 -6.56 -6.92
N ALA A 40 -9.55 -6.10 -6.98
CA ALA A 40 -10.74 -6.94 -7.07
C ALA A 40 -10.77 -7.68 -8.43
N PRO A 41 -11.40 -8.89 -8.57
CA PRO A 41 -11.37 -9.59 -9.86
C PRO A 41 -11.90 -8.79 -11.05
N GLY A 42 -11.04 -8.58 -12.03
CA GLY A 42 -11.33 -7.82 -13.25
C GLY A 42 -11.43 -6.33 -13.03
N ARG A 43 -10.89 -5.82 -11.91
CA ARG A 43 -10.92 -4.40 -11.56
C ARG A 43 -9.51 -3.76 -11.39
N GLY A 44 -9.47 -2.46 -11.14
CA GLY A 44 -8.24 -1.68 -11.03
C GLY A 44 -7.45 -1.85 -9.76
N LEU A 45 -6.48 -0.94 -9.55
CA LEU A 45 -5.61 -0.95 -8.37
C LEU A 45 -6.13 0.05 -7.35
N GLU A 46 -6.17 -0.35 -6.07
CA GLU A 46 -6.65 0.53 -4.99
C GLU A 46 -5.73 0.52 -3.78
N TRP A 47 -5.17 1.71 -3.44
CA TRP A 47 -4.30 1.91 -2.28
C TRP A 47 -5.13 1.81 -1.02
N MET A 48 -4.68 0.96 -0.08
CA MET A 48 -5.36 0.72 1.19
C MET A 48 -4.70 1.47 2.36
N GLY A 49 -3.49 1.97 2.14
CA GLY A 49 -2.77 2.70 3.16
C GLY A 49 -1.30 2.37 3.28
N TRP A 50 -0.57 3.18 4.07
CA TRP A 50 0.85 2.93 4.38
C TRP A 50 1.10 2.73 5.85
N MET A 51 2.21 2.06 6.16
CA MET A 51 2.66 1.83 7.51
C MET A 51 4.17 2.03 7.57
N LYS A 52 4.62 2.84 8.52
CA LYS A 52 6.04 3.10 8.69
C LYS A 52 6.59 2.17 9.78
N PRO A 53 7.54 1.25 9.46
CA PRO A 53 8.11 0.35 10.48
C PRO A 53 8.71 1.07 11.69
N ARG A 54 9.15 2.33 11.52
CA ARG A 54 9.69 3.16 12.60
C ARG A 54 8.50 3.77 13.35
N GLY A 55 8.14 3.14 14.47
CA GLY A 55 7.04 3.58 15.32
C GLY A 55 5.69 3.01 14.98
N GLY A 56 5.58 2.36 13.83
CA GLY A 56 4.32 1.76 13.38
C GLY A 56 3.26 2.75 12.93
N ALA A 57 3.65 4.01 12.64
CA ALA A 57 2.73 5.06 12.17
C ALA A 57 1.96 4.61 10.92
N VAL A 58 0.67 4.93 10.85
CA VAL A 58 -0.18 4.51 9.72
C VAL A 58 -0.92 5.68 9.06
N ASN A 59 -1.47 5.41 7.86
CA ASN A 59 -2.28 6.36 7.11
C ASN A 59 -3.25 5.53 6.29
N TYR A 60 -4.54 5.67 6.56
CA TYR A 60 -5.58 4.93 5.85
C TYR A 60 -6.56 5.87 5.15
N PRO A 61 -7.05 5.54 3.93
CA PRO A 61 -8.12 6.34 3.32
C PRO A 61 -9.41 6.12 4.10
N GLN A 62 -10.31 7.11 4.09
CA GLN A 62 -11.58 7.08 4.81
C GLN A 62 -12.34 5.76 4.67
N LYS A 63 -12.44 5.22 3.44
CA LYS A 63 -13.15 3.96 3.16
C LYS A 63 -12.63 2.74 3.91
N PHE A 64 -11.33 2.73 4.25
CA PHE A 64 -10.72 1.61 4.97
C PHE A 64 -10.56 1.81 6.48
N GLN A 65 -10.79 3.05 6.95
CA GLN A 65 -10.70 3.42 8.35
C GLN A 65 -11.74 2.66 9.18
N GLY A 66 -11.30 2.09 10.30
CA GLY A 66 -12.14 1.31 11.19
C GLY A 66 -12.24 -0.16 10.81
N ARG A 67 -11.78 -0.53 9.62
CA ARG A 67 -11.83 -1.92 9.17
C ARG A 67 -10.48 -2.53 8.78
N VAL A 68 -9.46 -1.70 8.62
CA VAL A 68 -8.11 -2.11 8.27
C VAL A 68 -7.12 -1.74 9.39
N THR A 69 -6.19 -2.66 9.74
CA THR A 69 -5.12 -2.45 10.71
C THR A 69 -3.78 -2.91 10.10
N MET A 70 -2.80 -2.00 10.00
CA MET A 70 -1.48 -2.30 9.47
C MET A 70 -0.46 -2.25 10.59
N THR A 71 0.23 -3.39 10.83
CA THR A 71 1.21 -3.53 11.91
C THR A 71 2.48 -4.20 11.40
N ARG A 72 3.49 -4.36 12.28
CA ARG A 72 4.75 -4.99 11.90
C ARG A 72 5.44 -5.75 13.05
N ASP A 73 6.37 -6.66 12.68
CA ASP A 73 7.24 -7.40 13.60
C ASP A 73 8.67 -7.06 13.17
N MET A 74 9.31 -6.17 13.93
CA MET A 74 10.69 -5.72 13.68
C MET A 74 11.73 -6.86 13.70
N SER A 75 11.54 -7.88 14.57
CA SER A 75 12.46 -9.01 14.72
C SER A 75 12.51 -9.95 13.49
N THR A 76 11.44 -9.99 12.67
CA THR A 76 11.39 -10.84 11.46
C THR A 76 11.24 -10.01 10.18
N ASP A 77 11.27 -8.66 10.29
CA ASP A 77 11.11 -7.71 9.17
C ASP A 77 9.81 -8.01 8.39
N THR A 78 8.72 -8.23 9.13
CA THR A 78 7.42 -8.59 8.57
C THR A 78 6.36 -7.52 8.82
N ALA A 79 5.61 -7.18 7.77
CA ALA A 79 4.49 -6.26 7.81
C ALA A 79 3.22 -7.10 7.72
N PHE A 80 2.18 -6.72 8.48
CA PHE A 80 0.91 -7.43 8.52
C PHE A 80 -0.25 -6.53 8.18
N LEU A 81 -1.26 -7.10 7.53
CA LEU A 81 -2.49 -6.40 7.19
C LEU A 81 -3.66 -7.20 7.76
N ASP A 82 -4.44 -6.55 8.64
CA ASP A 82 -5.62 -7.14 9.25
C ASP A 82 -6.85 -6.48 8.70
N MET A 83 -7.90 -7.26 8.41
CA MET A 83 -9.16 -6.73 7.94
C MET A 83 -10.33 -7.43 8.61
N SER A 84 -11.26 -6.66 9.19
CA SER A 84 -12.42 -7.17 9.92
C SER A 84 -13.71 -7.15 9.09
N ASN A 85 -14.72 -7.94 9.54
CA ASN A 85 -16.05 -8.05 8.95
C ASN A 85 -16.00 -8.11 7.40
N LEU A 86 -15.29 -9.13 6.88
CA LEU A 86 -15.08 -9.34 5.44
C LEU A 86 -16.38 -9.50 4.65
N ARG A 87 -16.49 -8.77 3.55
CA ARG A 87 -17.66 -8.81 2.66
C ARG A 87 -17.26 -9.53 1.38
N SER A 88 -18.26 -9.94 0.55
CA SER A 88 -18.00 -10.58 -0.75
C SER A 88 -17.15 -9.65 -1.63
N ASP A 89 -17.39 -8.35 -1.54
CA ASP A 89 -16.63 -7.36 -2.31
C ASP A 89 -15.14 -7.39 -1.98
N ASP A 90 -14.78 -7.81 -0.77
CA ASP A 90 -13.38 -7.82 -0.33
C ASP A 90 -12.53 -8.88 -1.02
N THR A 91 -13.15 -9.70 -1.91
CA THR A 91 -12.44 -10.70 -2.73
C THR A 91 -11.51 -9.91 -3.65
N ALA A 92 -10.20 -10.13 -3.48
CA ALA A 92 -9.17 -9.41 -4.23
C ALA A 92 -7.81 -10.04 -4.06
N VAL A 93 -6.84 -9.59 -4.84
CA VAL A 93 -5.45 -9.97 -4.68
C VAL A 93 -4.86 -8.79 -3.90
N TYR A 94 -4.30 -9.07 -2.72
CA TYR A 94 -3.72 -8.05 -1.84
C TYR A 94 -2.23 -8.03 -2.03
N PHE A 95 -1.69 -6.88 -2.44
CA PHE A 95 -0.25 -6.73 -2.67
C PHE A 95 0.37 -5.82 -1.63
N CYS A 96 1.62 -6.09 -1.27
CA CYS A 96 2.40 -5.19 -0.44
C CYS A 96 3.38 -4.54 -1.43
N ALA A 97 3.63 -3.24 -1.27
CA ALA A 97 4.48 -2.49 -2.18
C ALA A 97 5.42 -1.51 -1.48
N ARG A 98 6.62 -1.34 -2.03
CA ARG A 98 7.63 -0.43 -1.50
C ARG A 98 8.13 0.48 -2.62
N GLY A 99 8.41 1.72 -2.28
CA GLY A 99 8.94 2.72 -3.21
C GLY A 99 10.35 2.39 -3.68
N LYS A 100 10.69 2.89 -4.86
CA LYS A 100 11.98 2.71 -5.54
C LYS A 100 13.12 3.36 -4.72
N TYR A 101 12.90 4.62 -4.31
CA TYR A 101 13.88 5.43 -3.58
C TYR A 101 13.71 5.33 -2.08
N CYS A 102 14.74 4.78 -1.41
CA CYS A 102 14.77 4.58 0.03
C CYS A 102 16.20 4.53 0.56
N THR A 103 16.55 5.51 1.42
CA THR A 103 17.85 5.61 2.09
C THR A 103 17.60 5.71 3.60
N ALA A 104 18.68 5.76 4.40
CA ALA A 104 18.58 5.88 5.85
C ALA A 104 18.11 7.29 6.28
N SER A 105 18.07 8.26 5.33
CA SER A 105 17.69 9.65 5.60
C SER A 105 16.57 10.23 4.72
N ASP A 106 16.21 9.55 3.61
CA ASP A 106 15.18 10.04 2.67
C ASP A 106 14.51 8.90 1.92
N TYR A 107 13.28 9.15 1.43
CA TYR A 107 12.52 8.21 0.63
C TYR A 107 11.41 8.92 -0.13
N TYR A 108 10.92 8.29 -1.19
CA TYR A 108 9.74 8.72 -1.94
C TYR A 108 8.86 7.49 -1.97
N ASN A 109 7.75 7.56 -1.28
CA ASN A 109 6.86 6.41 -1.09
C ASN A 109 6.22 5.77 -2.33
N TRP A 110 5.81 6.60 -3.28
CA TRP A 110 4.90 6.32 -4.38
C TRP A 110 5.34 5.59 -5.64
N ASP A 111 6.62 5.66 -6.02
CA ASP A 111 7.11 4.96 -7.22
C ASP A 111 7.35 3.50 -6.85
N PHE A 112 6.27 2.69 -6.94
CA PHE A 112 6.30 1.28 -6.52
C PHE A 112 7.08 0.36 -7.44
N GLU A 113 8.40 0.33 -7.26
CA GLU A 113 9.25 -0.56 -8.05
C GLU A 113 9.17 -1.97 -7.48
N HIS A 114 8.99 -2.10 -6.16
CA HIS A 114 8.98 -3.38 -5.46
C HIS A 114 7.60 -3.82 -5.01
N TRP A 115 7.19 -5.00 -5.48
CA TRP A 115 5.90 -5.59 -5.15
C TRP A 115 6.08 -7.04 -4.73
N GLY A 116 5.19 -7.51 -3.85
CA GLY A 116 5.13 -8.92 -3.49
C GLY A 116 4.36 -9.60 -4.60
N ARG A 117 4.27 -10.96 -4.58
CA ARG A 117 3.53 -11.71 -5.61
C ARG A 117 2.01 -11.54 -5.52
N GLY A 118 1.53 -11.06 -4.37
CA GLY A 118 0.12 -10.87 -4.09
C GLY A 118 -0.47 -12.04 -3.33
N THR A 119 -1.45 -11.76 -2.47
CA THR A 119 -2.15 -12.76 -1.68
C THR A 119 -3.61 -12.75 -2.08
N LEU A 120 -4.07 -13.81 -2.69
CA LEU A 120 -5.44 -13.92 -3.08
C LEU A 120 -6.28 -14.23 -1.88
N VAL A 121 -7.32 -13.47 -1.72
CA VAL A 121 -8.26 -13.65 -0.62
C VAL A 121 -9.65 -13.77 -1.23
N THR A 122 -10.29 -14.92 -1.07
CA THR A 122 -11.62 -15.14 -1.59
C THR A 122 -12.61 -15.12 -0.41
N VAL A 123 -13.61 -14.25 -0.46
CA VAL A 123 -14.62 -14.09 0.59
C VAL A 123 -15.96 -14.52 0.04
N SER A 124 -16.59 -15.53 0.68
CA SER A 124 -17.84 -16.12 0.21
C SER A 124 -18.62 -16.84 1.31
N SER A 125 -19.97 -16.92 1.16
CA SER A 125 -20.83 -17.68 2.09
C SER A 125 -20.77 -19.22 1.82
N PRO A 126 -20.60 -19.74 0.56
CA PRO A 126 -20.49 -21.21 0.37
C PRO A 126 -19.32 -21.86 1.12
N ALA A 127 -19.46 -23.16 1.39
CA ALA A 127 -18.49 -23.97 2.11
C ALA A 127 -17.77 -24.91 1.15
N THR A 128 -16.62 -25.49 1.58
CA THR A 128 -15.81 -26.44 0.81
C THR A 128 -16.66 -27.61 0.29
N LYS A 129 -16.63 -27.82 -1.04
CA LYS A 129 -17.40 -28.86 -1.71
C LYS A 129 -16.63 -29.46 -2.89
N GLY A 130 -16.61 -30.78 -2.95
CA GLY A 130 -15.99 -31.54 -4.03
C GLY A 130 -16.82 -31.45 -5.30
N PRO A 131 -16.19 -31.52 -6.50
CA PRO A 131 -16.98 -31.40 -7.73
C PRO A 131 -17.63 -32.69 -8.20
N SER A 132 -18.67 -32.54 -9.05
CA SER A 132 -19.32 -33.63 -9.74
C SER A 132 -18.63 -33.64 -11.11
N VAL A 133 -18.26 -34.81 -11.64
CA VAL A 133 -17.59 -34.87 -12.94
C VAL A 133 -18.51 -35.55 -13.94
N PHE A 134 -18.96 -34.80 -14.97
CA PHE A 134 -19.86 -35.28 -16.01
C PHE A 134 -19.16 -35.40 -17.36
N PRO A 135 -19.44 -36.46 -18.16
CA PRO A 135 -18.77 -36.57 -19.46
C PRO A 135 -19.38 -35.65 -20.53
N LEU A 136 -18.52 -35.19 -21.45
CA LEU A 136 -18.89 -34.42 -22.64
C LEU A 136 -18.63 -35.44 -23.74
N ALA A 137 -19.60 -36.34 -23.95
CA ALA A 137 -19.48 -37.47 -24.87
C ALA A 137 -19.26 -37.13 -26.35
N PRO A 138 -18.35 -37.85 -27.06
CA PRO A 138 -18.19 -37.59 -28.50
C PRO A 138 -19.37 -38.20 -29.27
N SER A 139 -20.02 -37.41 -30.15
CA SER A 139 -21.19 -37.88 -30.90
C SER A 139 -20.92 -38.12 -32.38
N SER A 140 -21.85 -38.82 -33.06
CA SER A 140 -21.81 -39.15 -34.49
C SER A 140 -21.90 -37.87 -35.35
N LYS A 141 -22.89 -37.01 -35.04
CA LYS A 141 -23.11 -35.74 -35.72
C LYS A 141 -22.08 -34.69 -35.30
N SER A 142 -21.55 -34.82 -34.06
CA SER A 142 -20.55 -33.91 -33.47
C SER A 142 -19.10 -34.38 -33.80
N THR A 143 -18.92 -34.81 -35.05
CA THR A 143 -17.65 -35.31 -35.59
C THR A 143 -17.42 -34.98 -37.06
N SER A 144 -16.16 -34.70 -37.39
CA SER A 144 -15.77 -34.27 -38.72
C SER A 144 -14.36 -34.62 -39.08
N GLY A 145 -14.17 -34.89 -40.35
CA GLY A 145 -12.86 -34.92 -40.96
C GLY A 145 -11.91 -35.76 -40.18
N GLY A 146 -12.41 -36.82 -39.60
CA GLY A 146 -11.56 -37.71 -38.89
C GLY A 146 -11.27 -37.34 -37.46
N THR A 147 -11.69 -36.18 -37.01
CA THR A 147 -11.50 -35.82 -35.62
C THR A 147 -12.80 -35.62 -34.86
N ALA A 148 -12.79 -36.09 -33.64
CA ALA A 148 -13.93 -36.00 -32.74
C ALA A 148 -13.50 -35.24 -31.49
N ALA A 149 -14.42 -34.48 -30.89
CA ALA A 149 -14.13 -33.77 -29.65
C ALA A 149 -14.88 -34.43 -28.49
N LEU A 150 -14.21 -34.53 -27.35
CA LEU A 150 -14.77 -35.08 -26.13
C LEU A 150 -14.20 -34.32 -24.94
N GLY A 151 -14.77 -34.53 -23.77
CA GLY A 151 -14.27 -33.86 -22.58
C GLY A 151 -15.01 -34.19 -21.31
N CYS A 152 -14.84 -33.31 -20.31
CA CYS A 152 -15.53 -33.47 -19.04
C CYS A 152 -15.86 -32.14 -18.44
N LEU A 153 -17.05 -32.07 -17.83
CA LEU A 153 -17.53 -30.91 -17.12
C LEU A 153 -17.28 -31.15 -15.63
N VAL A 154 -16.47 -30.30 -15.01
CA VAL A 154 -16.12 -30.40 -13.60
C VAL A 154 -16.97 -29.31 -12.95
N LYS A 155 -18.15 -29.70 -12.47
CA LYS A 155 -19.17 -28.80 -11.96
C LYS A 155 -19.37 -28.76 -10.45
N ASP A 156 -19.76 -27.58 -9.94
CA ASP A 156 -20.14 -27.29 -8.57
C ASP A 156 -19.13 -27.61 -7.48
N TYR A 157 -18.01 -26.90 -7.49
CA TYR A 157 -16.98 -27.07 -6.47
C TYR A 157 -16.61 -25.73 -5.87
N PHE A 158 -16.03 -25.77 -4.67
CA PHE A 158 -15.57 -24.61 -3.92
C PHE A 158 -14.55 -25.09 -2.89
N PRO A 159 -13.41 -24.38 -2.72
CA PRO A 159 -12.92 -23.23 -3.48
C PRO A 159 -12.05 -23.68 -4.66
N GLU A 160 -11.44 -22.72 -5.37
CA GLU A 160 -10.49 -23.03 -6.43
C GLU A 160 -9.18 -23.50 -5.74
N PRO A 161 -8.30 -24.28 -6.40
CA PRO A 161 -8.32 -24.74 -7.79
C PRO A 161 -8.64 -26.24 -7.97
N VAL A 162 -8.85 -26.63 -9.24
CA VAL A 162 -8.97 -28.01 -9.67
C VAL A 162 -7.99 -28.18 -10.82
N THR A 163 -7.33 -29.32 -10.88
CA THR A 163 -6.41 -29.65 -11.96
C THR A 163 -7.00 -30.80 -12.75
N VAL A 164 -6.77 -30.81 -14.06
CA VAL A 164 -7.26 -31.87 -14.93
C VAL A 164 -6.13 -32.37 -15.82
N SER A 165 -6.03 -33.69 -15.96
CA SER A 165 -5.09 -34.34 -16.86
C SER A 165 -5.86 -35.42 -17.61
N TRP A 166 -5.31 -35.92 -18.72
CA TRP A 166 -5.95 -36.95 -19.52
C TRP A 166 -5.08 -38.18 -19.62
N ASN A 167 -5.70 -39.35 -19.35
CA ASN A 167 -5.06 -40.67 -19.36
C ASN A 167 -3.77 -40.70 -18.53
N SER A 168 -3.83 -40.12 -17.32
CA SER A 168 -2.72 -40.03 -16.36
C SER A 168 -1.47 -39.32 -16.92
N GLY A 169 -1.70 -38.34 -17.80
CA GLY A 169 -0.64 -37.55 -18.42
C GLY A 169 -0.18 -38.05 -19.78
N ALA A 170 -0.61 -39.26 -20.19
CA ALA A 170 -0.25 -39.86 -21.48
C ALA A 170 -0.88 -39.13 -22.68
N LEU A 171 -1.96 -38.35 -22.44
CA LEU A 171 -2.64 -37.59 -23.48
C LEU A 171 -2.47 -36.09 -23.20
N THR A 172 -1.76 -35.40 -24.10
CA THR A 172 -1.45 -33.97 -23.97
C THR A 172 -1.81 -33.21 -25.23
N SER A 173 -1.57 -33.81 -26.41
CA SER A 173 -1.84 -33.23 -27.73
C SER A 173 -3.35 -33.01 -27.91
N GLY A 174 -3.71 -31.78 -28.24
CA GLY A 174 -5.10 -31.38 -28.46
C GLY A 174 -5.93 -31.12 -27.22
N VAL A 175 -5.29 -31.13 -26.02
CA VAL A 175 -5.98 -30.90 -24.74
C VAL A 175 -6.16 -29.40 -24.49
N HIS A 176 -7.39 -28.99 -24.07
CA HIS A 176 -7.73 -27.61 -23.72
C HIS A 176 -8.48 -27.64 -22.41
N THR A 177 -7.87 -27.13 -21.33
CA THR A 177 -8.47 -27.03 -20.00
C THR A 177 -8.78 -25.55 -19.78
N PHE A 178 -10.07 -25.23 -19.69
CA PHE A 178 -10.55 -23.86 -19.57
C PHE A 178 -10.45 -23.29 -18.17
N PRO A 179 -10.20 -21.96 -18.02
CA PRO A 179 -10.22 -21.36 -16.68
C PRO A 179 -11.62 -21.51 -16.09
N ALA A 180 -11.69 -21.67 -14.76
CA ALA A 180 -12.98 -21.84 -14.08
C ALA A 180 -13.83 -20.58 -14.12
N VAL A 181 -15.15 -20.76 -14.07
CA VAL A 181 -16.09 -19.65 -14.02
C VAL A 181 -16.80 -19.73 -12.69
N LEU A 182 -17.14 -18.58 -12.10
CA LEU A 182 -17.88 -18.53 -10.85
C LEU A 182 -19.37 -18.42 -11.19
N GLN A 183 -20.15 -19.43 -10.81
CA GLN A 183 -21.60 -19.46 -11.09
C GLN A 183 -22.37 -18.54 -10.13
N SER A 184 -23.62 -18.20 -10.49
CA SER A 184 -24.51 -17.35 -9.69
C SER A 184 -24.88 -18.01 -8.34
N SER A 185 -24.62 -19.33 -8.21
CA SER A 185 -24.83 -20.13 -7.01
C SER A 185 -23.70 -19.94 -5.99
N GLY A 186 -22.56 -19.42 -6.45
CA GLY A 186 -21.36 -19.21 -5.64
C GLY A 186 -20.34 -20.32 -5.78
N LEU A 187 -20.66 -21.36 -6.55
CA LEU A 187 -19.77 -22.50 -6.78
C LEU A 187 -19.08 -22.36 -8.14
N TYR A 188 -17.86 -22.91 -8.27
CA TYR A 188 -17.09 -22.86 -9.51
C TYR A 188 -17.41 -24.03 -10.42
N SER A 189 -17.10 -23.86 -11.71
CA SER A 189 -17.29 -24.88 -12.73
C SER A 189 -16.28 -24.67 -13.84
N LEU A 190 -15.75 -25.79 -14.39
CA LEU A 190 -14.82 -25.75 -15.53
C LEU A 190 -14.97 -26.97 -16.41
N SER A 191 -14.46 -26.86 -17.64
CA SER A 191 -14.47 -27.94 -18.61
C SER A 191 -13.05 -28.14 -19.13
N SER A 192 -12.73 -29.37 -19.51
CA SER A 192 -11.48 -29.74 -20.15
C SER A 192 -11.89 -30.58 -21.34
N VAL A 193 -11.37 -30.26 -22.51
CA VAL A 193 -11.71 -30.95 -23.76
C VAL A 193 -10.47 -31.45 -24.48
N VAL A 194 -10.66 -32.44 -25.35
CA VAL A 194 -9.62 -33.00 -26.18
C VAL A 194 -10.20 -33.42 -27.53
N THR A 195 -9.44 -33.18 -28.60
CA THR A 195 -9.79 -33.62 -29.94
C THR A 195 -8.92 -34.83 -30.21
N VAL A 196 -9.54 -35.92 -30.67
CA VAL A 196 -8.87 -37.18 -30.92
C VAL A 196 -9.29 -37.76 -32.29
N PRO A 197 -8.54 -38.73 -32.90
CA PRO A 197 -9.01 -39.29 -34.17
C PRO A 197 -10.29 -40.10 -33.93
N SER A 198 -11.34 -39.84 -34.73
CA SER A 198 -12.65 -40.50 -34.65
C SER A 198 -12.56 -42.02 -34.82
N SER A 199 -11.51 -42.50 -35.53
CA SER A 199 -11.24 -43.91 -35.77
C SER A 199 -10.76 -44.65 -34.51
N SER A 200 -10.21 -43.91 -33.52
CA SER A 200 -9.70 -44.47 -32.26
C SER A 200 -10.74 -44.58 -31.13
N LEU A 201 -11.97 -44.08 -31.36
CA LEU A 201 -13.07 -44.08 -30.38
C LEU A 201 -13.51 -45.45 -29.87
N GLY A 202 -13.30 -46.50 -30.67
CA GLY A 202 -13.65 -47.88 -30.31
C GLY A 202 -12.48 -48.76 -29.93
N THR A 203 -11.27 -48.19 -29.85
CA THR A 203 -10.04 -48.91 -29.49
C THR A 203 -9.22 -48.24 -28.37
N GLN A 204 -9.33 -46.89 -28.25
CA GLN A 204 -8.60 -46.12 -27.24
C GLN A 204 -9.53 -45.62 -26.12
N THR A 205 -9.11 -45.82 -24.86
CA THR A 205 -9.84 -45.40 -23.66
C THR A 205 -9.45 -43.97 -23.27
N TYR A 206 -10.45 -43.10 -23.02
CA TYR A 206 -10.23 -41.71 -22.64
C TYR A 206 -10.74 -41.43 -21.24
N ILE A 207 -9.80 -41.12 -20.33
CA ILE A 207 -10.08 -40.86 -18.93
C ILE A 207 -9.56 -39.49 -18.52
N CYS A 208 -10.42 -38.69 -17.90
CA CYS A 208 -10.00 -37.40 -17.38
C CYS A 208 -9.75 -37.55 -15.88
N ASN A 209 -8.58 -37.10 -15.43
CA ASN A 209 -8.16 -37.20 -14.05
C ASN A 209 -8.36 -35.85 -13.41
N VAL A 210 -9.29 -35.76 -12.45
CA VAL A 210 -9.67 -34.51 -11.76
C VAL A 210 -9.19 -34.56 -10.33
N ASN A 211 -8.59 -33.46 -9.86
CA ASN A 211 -8.09 -33.36 -8.49
C ASN A 211 -8.52 -32.03 -7.86
N HIS A 212 -9.30 -32.11 -6.77
CA HIS A 212 -9.74 -30.96 -5.97
C HIS A 212 -9.18 -31.16 -4.56
N LYS A 213 -7.91 -30.74 -4.37
CA LYS A 213 -7.17 -30.85 -3.10
C LYS A 213 -7.92 -30.26 -1.87
N PRO A 214 -8.57 -29.05 -1.93
CA PRO A 214 -9.23 -28.53 -0.72
C PRO A 214 -10.34 -29.39 -0.09
N SER A 215 -10.92 -30.32 -0.85
CA SER A 215 -11.96 -31.23 -0.35
C SER A 215 -11.48 -32.69 -0.37
N ASN A 216 -10.22 -32.91 -0.84
CA ASN A 216 -9.58 -34.23 -1.00
C ASN A 216 -10.34 -35.11 -2.01
N THR A 217 -10.97 -34.46 -3.02
CA THR A 217 -11.74 -35.15 -4.06
C THR A 217 -10.88 -35.36 -5.30
N LYS A 218 -10.61 -36.64 -5.61
CA LYS A 218 -9.86 -37.07 -6.78
C LYS A 218 -10.76 -38.03 -7.54
N VAL A 219 -11.04 -37.75 -8.84
CA VAL A 219 -11.92 -38.58 -9.68
C VAL A 219 -11.28 -38.87 -11.02
N ASP A 220 -11.33 -40.14 -11.46
CA ASP A 220 -10.89 -40.59 -12.78
C ASP A 220 -12.14 -41.05 -13.54
N LYS A 221 -12.63 -40.20 -14.45
CA LYS A 221 -13.85 -40.44 -15.20
C LYS A 221 -13.59 -40.89 -16.65
N LYS A 222 -14.11 -42.07 -17.02
CA LYS A 222 -14.00 -42.56 -18.40
C LYS A 222 -15.05 -41.86 -19.25
N VAL A 223 -14.62 -41.30 -20.39
CA VAL A 223 -15.49 -40.60 -21.35
C VAL A 223 -15.58 -41.48 -22.59
N GLU A 224 -16.81 -41.92 -22.94
CA GLU A 224 -17.01 -42.80 -24.10
C GLU A 224 -18.21 -42.38 -24.96
N PRO A 225 -18.29 -42.79 -26.27
CA PRO A 225 -19.45 -42.43 -27.09
C PRO A 225 -20.77 -42.91 -26.46
N LYS A 226 -21.83 -42.10 -26.58
CA LYS A 226 -23.15 -42.42 -26.03
C LYS A 226 -23.79 -43.57 -26.81
N SER A 227 -24.18 -44.64 -26.09
CA SER A 227 -24.83 -45.83 -26.66
C SER A 227 -26.26 -45.49 -27.06
N CYS A 228 -26.60 -45.71 -28.35
CA CYS A 228 -27.92 -45.39 -28.90
C CYS A 228 -28.62 -46.64 -29.44
N GLU B 1 -9.16 12.84 -4.28
CA GLU B 1 -8.46 14.12 -4.40
C GLU B 1 -7.82 14.32 -5.78
N ILE B 2 -7.52 13.23 -6.52
CA ILE B 2 -6.97 13.27 -7.88
C ILE B 2 -7.66 12.22 -8.74
N VAL B 3 -8.37 12.64 -9.76
CA VAL B 3 -8.86 11.68 -10.71
C VAL B 3 -8.01 11.63 -11.97
N LEU B 4 -7.56 10.42 -12.28
CA LEU B 4 -6.70 10.19 -13.44
C LEU B 4 -7.54 9.45 -14.47
N THR B 5 -7.74 10.09 -15.64
CA THR B 5 -8.59 9.54 -16.69
C THR B 5 -7.76 8.89 -17.79
N GLN B 6 -7.86 7.56 -17.90
CA GLN B 6 -7.12 6.84 -18.93
C GLN B 6 -7.97 6.58 -20.17
N SER B 7 -7.34 6.67 -21.36
CA SER B 7 -7.98 6.42 -22.67
C SER B 7 -6.98 5.79 -23.64
N PRO B 8 -7.42 4.84 -24.52
CA PRO B 8 -8.76 4.26 -24.62
C PRO B 8 -8.92 3.13 -23.60
N GLY B 9 -10.08 2.47 -23.59
CA GLY B 9 -10.31 1.35 -22.69
C GLY B 9 -9.45 0.16 -23.08
N THR B 10 -9.38 -0.14 -24.38
CA THR B 10 -8.63 -1.26 -24.94
C THR B 10 -7.94 -0.87 -26.23
N LEU B 11 -6.73 -1.40 -26.43
CA LEU B 11 -5.90 -1.22 -27.62
C LEU B 11 -5.61 -2.63 -28.15
N SER B 12 -6.03 -2.92 -29.39
CA SER B 12 -5.81 -4.23 -30.01
C SER B 12 -4.85 -4.04 -31.17
N LEU B 13 -3.60 -4.50 -30.98
CA LEU B 13 -2.53 -4.32 -31.97
C LEU B 13 -1.73 -5.58 -32.21
N SER B 14 -0.84 -5.53 -33.21
CA SER B 14 0.02 -6.65 -33.57
C SER B 14 1.47 -6.38 -33.19
N PRO B 15 2.35 -7.41 -33.03
CA PRO B 15 3.77 -7.11 -32.74
C PRO B 15 4.42 -6.23 -33.80
N GLY B 16 5.31 -5.35 -33.37
CA GLY B 16 6.01 -4.41 -34.25
C GLY B 16 5.30 -3.09 -34.41
N GLU B 17 4.01 -3.03 -34.04
CA GLU B 17 3.21 -1.80 -34.09
C GLU B 17 3.51 -0.88 -32.89
N ARG B 18 2.95 0.34 -32.93
CA ARG B 18 3.13 1.36 -31.89
C ARG B 18 1.84 1.51 -31.06
N ALA B 19 1.96 1.46 -29.74
CA ALA B 19 0.83 1.64 -28.83
C ALA B 19 0.94 3.02 -28.18
N THR B 20 -0.14 3.82 -28.23
CA THR B 20 -0.21 5.15 -27.63
C THR B 20 -1.29 5.15 -26.55
N LEU B 21 -0.87 5.20 -25.28
CA LEU B 21 -1.74 5.19 -24.11
C LEU B 21 -1.80 6.59 -23.53
N SER B 22 -3.01 7.05 -23.17
CA SER B 22 -3.20 8.40 -22.65
C SER B 22 -3.70 8.40 -21.22
N CYS B 23 -3.24 9.40 -20.46
CA CYS B 23 -3.68 9.65 -19.10
C CYS B 23 -3.86 11.13 -18.89
N ARG B 24 -5.06 11.53 -18.48
CA ARG B 24 -5.34 12.94 -18.20
C ARG B 24 -5.48 13.18 -16.72
N THR B 25 -4.79 14.24 -16.23
CA THR B 25 -4.83 14.72 -14.85
C THR B 25 -4.59 16.22 -14.81
N SER B 26 -5.43 16.97 -14.09
CA SER B 26 -5.28 18.42 -13.95
C SER B 26 -4.52 18.77 -12.67
N GLN B 27 -3.99 17.76 -11.97
CA GLN B 27 -3.32 17.94 -10.68
C GLN B 27 -1.81 17.76 -10.66
N TYR B 28 -1.17 18.44 -9.70
CA TYR B 28 0.27 18.35 -9.45
C TYR B 28 0.59 16.96 -8.86
N GLY B 29 1.78 16.45 -9.19
CA GLY B 29 2.27 15.19 -8.65
C GLY B 29 3.05 14.39 -9.66
N SER B 30 4.17 13.79 -9.22
CA SER B 30 5.02 12.95 -10.06
C SER B 30 4.18 11.78 -10.59
N LEU B 31 4.09 11.63 -11.93
CA LEU B 31 3.28 10.58 -12.54
C LEU B 31 4.05 9.30 -12.89
N ALA B 32 3.46 8.15 -12.54
CA ALA B 32 4.05 6.85 -12.83
C ALA B 32 3.16 6.04 -13.74
N TRP B 33 3.75 5.11 -14.51
CA TRP B 33 3.08 4.16 -15.39
C TRP B 33 3.48 2.75 -14.97
N TYR B 34 2.49 1.84 -14.87
CA TYR B 34 2.71 0.44 -14.50
C TYR B 34 2.17 -0.49 -15.57
N GLN B 35 2.86 -1.63 -15.77
CA GLN B 35 2.43 -2.70 -16.65
C GLN B 35 2.00 -3.87 -15.76
N GLN B 36 0.77 -4.37 -15.94
CA GLN B 36 0.35 -5.55 -15.19
C GLN B 36 -0.08 -6.66 -16.13
N ARG B 37 0.74 -7.70 -16.20
CA ARG B 37 0.52 -8.89 -17.00
C ARG B 37 -0.46 -9.82 -16.24
N PRO B 38 -1.27 -10.67 -16.92
CA PRO B 38 -2.22 -11.53 -16.16
C PRO B 38 -1.56 -12.43 -15.11
N GLY B 39 -2.19 -12.48 -13.93
CA GLY B 39 -1.73 -13.29 -12.78
C GLY B 39 -0.45 -12.82 -12.13
N GLN B 40 0.05 -11.64 -12.52
CA GLN B 40 1.29 -11.07 -12.02
C GLN B 40 1.05 -9.74 -11.29
N ALA B 41 2.03 -9.33 -10.46
CA ALA B 41 2.03 -8.06 -9.76
C ALA B 41 2.34 -6.97 -10.78
N PRO B 42 1.90 -5.70 -10.57
CA PRO B 42 2.29 -4.64 -11.52
C PRO B 42 3.80 -4.42 -11.52
N ARG B 43 4.33 -3.85 -12.61
CA ARG B 43 5.75 -3.56 -12.77
C ARG B 43 5.88 -2.09 -13.11
N LEU B 44 6.77 -1.37 -12.42
CA LEU B 44 7.00 0.06 -12.69
C LEU B 44 7.69 0.19 -14.07
N VAL B 45 7.09 0.99 -14.97
CA VAL B 45 7.63 1.23 -16.32
C VAL B 45 8.22 2.63 -16.37
N ILE B 46 7.40 3.64 -16.02
CA ILE B 46 7.81 5.05 -16.03
C ILE B 46 7.54 5.66 -14.68
N TYR B 47 8.42 6.59 -14.23
CA TYR B 47 8.27 7.37 -13.00
C TYR B 47 8.66 8.82 -13.35
N GLY B 48 8.17 9.79 -12.58
CA GLY B 48 8.42 11.21 -12.85
C GLY B 48 7.99 11.64 -14.24
N GLY B 49 6.89 11.04 -14.74
CA GLY B 49 6.32 11.33 -16.04
C GLY B 49 7.10 10.88 -17.27
N SER B 50 8.44 10.98 -17.24
CA SER B 50 9.26 10.69 -18.40
C SER B 50 10.47 9.77 -18.21
N SER B 51 10.80 9.38 -16.98
CA SER B 51 11.96 8.53 -16.72
C SER B 51 11.65 7.05 -16.73
N ARG B 52 12.54 6.24 -17.30
CA ARG B 52 12.37 4.79 -17.38
C ARG B 52 12.88 4.12 -16.12
N ALA B 53 12.10 3.15 -15.59
CA ALA B 53 12.49 2.37 -14.40
C ALA B 53 13.52 1.29 -14.78
N THR B 54 14.07 0.57 -13.77
CA THR B 54 15.06 -0.50 -13.94
C THR B 54 14.62 -1.56 -14.95
N GLY B 55 15.51 -1.89 -15.89
CA GLY B 55 15.30 -2.92 -16.91
C GLY B 55 14.28 -2.62 -18.00
N ILE B 56 13.75 -1.39 -18.03
CA ILE B 56 12.78 -0.97 -19.04
C ILE B 56 13.52 -0.52 -20.32
N PRO B 57 13.30 -1.19 -21.48
CA PRO B 57 14.02 -0.80 -22.71
C PRO B 57 13.54 0.54 -23.28
N ASP B 58 14.38 1.15 -24.14
CA ASP B 58 14.14 2.47 -24.76
C ASP B 58 12.91 2.61 -25.66
N ARG B 59 12.28 1.48 -26.06
CA ARG B 59 11.06 1.50 -26.87
C ARG B 59 9.83 1.98 -26.07
N PHE B 60 9.94 2.01 -24.72
CA PHE B 60 8.91 2.53 -23.81
C PHE B 60 9.28 3.97 -23.50
N THR B 61 8.39 4.92 -23.82
CA THR B 61 8.65 6.34 -23.54
C THR B 61 7.46 7.00 -22.86
N GLY B 62 7.76 7.89 -21.94
CA GLY B 62 6.76 8.67 -21.22
C GLY B 62 6.92 10.14 -21.54
N SER B 63 5.81 10.84 -21.80
CA SER B 63 5.86 12.28 -22.06
C SER B 63 4.67 13.00 -21.46
N ARG B 64 4.81 14.33 -21.27
CA ARG B 64 3.76 15.17 -20.72
C ARG B 64 3.53 16.41 -21.60
N SER B 65 2.26 16.80 -21.79
CA SER B 65 1.84 18.00 -22.48
C SER B 65 0.68 18.60 -21.65
N GLY B 66 1.03 19.35 -20.61
CA GLY B 66 0.07 19.93 -19.68
C GLY B 66 -0.65 18.85 -18.88
N ALA B 67 -1.99 18.80 -19.03
CA ALA B 67 -2.82 17.81 -18.35
C ALA B 67 -2.77 16.43 -19.02
N ASP B 68 -2.21 16.36 -20.25
CA ASP B 68 -2.12 15.15 -21.07
C ASP B 68 -0.78 14.42 -20.98
N TYR B 69 -0.79 13.22 -20.38
CA TYR B 69 0.39 12.37 -20.26
C TYR B 69 0.25 11.20 -21.23
N THR B 70 1.36 10.82 -21.87
CA THR B 70 1.32 9.69 -22.80
C THR B 70 2.42 8.67 -22.60
N LEU B 71 2.04 7.39 -22.68
CA LEU B 71 2.98 6.30 -22.63
C LEU B 71 2.95 5.72 -24.03
N THR B 72 4.10 5.73 -24.70
CA THR B 72 4.20 5.14 -26.04
C THR B 72 5.04 3.90 -26.00
N ILE B 73 4.52 2.80 -26.55
CA ILE B 73 5.24 1.54 -26.63
C ILE B 73 5.51 1.29 -28.11
N ASN B 74 6.75 1.52 -28.55
CA ASN B 74 7.18 1.31 -29.92
C ASN B 74 7.59 -0.15 -30.08
N ARG B 75 7.56 -0.65 -31.32
CA ARG B 75 7.96 -2.03 -31.65
C ARG B 75 7.40 -3.02 -30.64
N LEU B 76 6.05 -3.08 -30.53
CA LEU B 76 5.33 -3.94 -29.60
C LEU B 76 5.78 -5.39 -29.65
N GLU B 77 5.89 -6.03 -28.49
CA GLU B 77 6.26 -7.44 -28.38
C GLU B 77 5.09 -8.19 -27.73
N PRO B 78 4.89 -9.52 -27.96
CA PRO B 78 3.76 -10.21 -27.30
C PRO B 78 3.76 -10.08 -25.76
N GLU B 79 4.94 -9.95 -25.13
CA GLU B 79 5.07 -9.77 -23.67
C GLU B 79 4.56 -8.41 -23.14
N ASP B 80 4.21 -7.47 -24.04
CA ASP B 80 3.67 -6.17 -23.66
C ASP B 80 2.17 -6.25 -23.38
N PHE B 81 1.57 -7.44 -23.58
CA PHE B 81 0.14 -7.68 -23.33
C PHE B 81 -0.12 -7.55 -21.83
N GLY B 82 -1.16 -6.79 -21.50
CA GLY B 82 -1.58 -6.57 -20.13
C GLY B 82 -2.37 -5.31 -19.93
N ILE B 83 -2.52 -4.90 -18.67
CA ILE B 83 -3.26 -3.68 -18.31
C ILE B 83 -2.23 -2.68 -17.82
N TYR B 84 -2.31 -1.45 -18.34
CA TYR B 84 -1.41 -0.37 -17.96
C TYR B 84 -2.13 0.67 -17.13
N TYR B 85 -1.56 0.99 -15.96
CA TYR B 85 -2.14 1.95 -15.03
C TYR B 85 -1.23 3.15 -14.89
N CYS B 86 -1.83 4.34 -14.73
CA CYS B 86 -1.05 5.54 -14.43
C CYS B 86 -1.32 5.87 -12.95
N GLN B 87 -0.43 6.64 -12.32
CA GLN B 87 -0.54 6.92 -10.90
C GLN B 87 0.06 8.25 -10.51
N GLN B 88 -0.58 8.93 -9.55
CA GLN B 88 -0.09 10.14 -8.90
C GLN B 88 -0.36 9.93 -7.42
N TYR B 89 0.71 9.82 -6.61
CA TYR B 89 0.61 9.53 -5.18
C TYR B 89 -0.22 8.26 -4.94
N GLU B 90 -1.24 8.32 -4.06
CA GLU B 90 -2.12 7.19 -3.72
C GLU B 90 -3.27 6.94 -4.72
N PHE B 91 -3.31 7.70 -5.83
CA PHE B 91 -4.41 7.57 -6.81
C PHE B 91 -3.98 6.92 -8.10
N PHE B 92 -4.82 5.99 -8.61
CA PHE B 92 -4.58 5.28 -9.86
C PHE B 92 -5.66 5.55 -10.89
N GLY B 93 -5.28 5.47 -12.17
CA GLY B 93 -6.21 5.53 -13.28
C GLY B 93 -6.93 4.19 -13.36
N GLN B 94 -8.00 4.10 -14.16
CA GLN B 94 -8.78 2.85 -14.26
C GLN B 94 -8.14 1.76 -15.14
N GLY B 95 -7.04 2.11 -15.82
CA GLY B 95 -6.31 1.19 -16.67
C GLY B 95 -6.71 1.19 -18.13
N THR B 96 -5.77 0.78 -19.00
CA THR B 96 -5.93 0.62 -20.45
C THR B 96 -5.38 -0.75 -20.78
N LYS B 97 -6.20 -1.58 -21.42
CA LYS B 97 -5.82 -2.93 -21.81
C LYS B 97 -5.11 -2.88 -23.14
N VAL B 98 -3.96 -3.57 -23.23
CA VAL B 98 -3.16 -3.66 -24.45
C VAL B 98 -3.20 -5.12 -24.90
N GLU B 99 -3.93 -5.39 -25.99
CA GLU B 99 -4.07 -6.73 -26.55
C GLU B 99 -3.08 -6.93 -27.68
N VAL B 100 -2.14 -7.85 -27.48
CA VAL B 100 -1.08 -8.21 -28.43
C VAL B 100 -0.75 -9.68 -28.19
N ASP B 101 -0.59 -10.45 -29.27
CA ASP B 101 -0.29 -11.88 -29.18
C ASP B 101 0.62 -12.31 -30.31
N ILE B 102 0.94 -13.63 -30.39
CA ILE B 102 1.77 -14.20 -31.46
C ILE B 102 0.87 -14.31 -32.69
N LYS B 103 1.30 -13.70 -33.81
CA LYS B 103 0.54 -13.71 -35.05
C LYS B 103 0.60 -15.04 -35.78
N ARG B 104 -0.52 -15.40 -36.41
CA ARG B 104 -0.67 -16.60 -37.24
C ARG B 104 -1.78 -16.34 -38.23
N THR B 105 -1.94 -17.21 -39.24
CA THR B 105 -3.01 -17.03 -40.22
C THR B 105 -4.36 -17.20 -39.55
N VAL B 106 -5.37 -16.50 -40.07
CA VAL B 106 -6.75 -16.57 -39.58
C VAL B 106 -7.24 -18.01 -39.61
N ALA B 107 -7.79 -18.47 -38.48
CA ALA B 107 -8.32 -19.83 -38.37
C ALA B 107 -9.75 -19.77 -37.83
N ALA B 108 -10.70 -20.35 -38.57
CA ALA B 108 -12.10 -20.41 -38.16
C ALA B 108 -12.28 -21.46 -37.06
N PRO B 109 -13.17 -21.24 -36.08
CA PRO B 109 -13.36 -22.26 -35.04
C PRO B 109 -14.07 -23.50 -35.57
N SER B 110 -13.69 -24.67 -35.04
CA SER B 110 -14.39 -25.93 -35.28
C SER B 110 -15.40 -25.94 -34.14
N VAL B 111 -16.69 -25.94 -34.47
CA VAL B 111 -17.75 -25.84 -33.47
C VAL B 111 -18.36 -27.20 -33.11
N PHE B 112 -18.45 -27.49 -31.81
CA PHE B 112 -19.03 -28.73 -31.28
C PHE B 112 -20.09 -28.38 -30.23
N ILE B 113 -21.21 -29.11 -30.23
CA ILE B 113 -22.28 -28.91 -29.25
C ILE B 113 -22.47 -30.19 -28.44
N PHE B 114 -22.53 -30.07 -27.10
CA PHE B 114 -22.67 -31.21 -26.19
C PHE B 114 -23.94 -31.14 -25.36
N PRO B 115 -24.88 -32.11 -25.54
CA PRO B 115 -26.09 -32.12 -24.70
C PRO B 115 -25.76 -32.48 -23.25
N PRO B 116 -26.66 -32.24 -22.27
CA PRO B 116 -26.35 -32.68 -20.88
C PRO B 116 -26.24 -34.20 -20.82
N SER B 117 -25.36 -34.72 -19.95
CA SER B 117 -25.18 -36.16 -19.77
C SER B 117 -26.38 -36.72 -19.02
N ASP B 118 -26.65 -38.03 -19.18
CA ASP B 118 -27.74 -38.72 -18.48
C ASP B 118 -27.49 -38.66 -16.97
N GLU B 119 -26.20 -38.71 -16.58
CA GLU B 119 -25.72 -38.63 -15.20
C GLU B 119 -26.12 -37.30 -14.55
N GLN B 120 -25.93 -36.17 -15.27
CA GLN B 120 -26.29 -34.83 -14.77
C GLN B 120 -27.79 -34.65 -14.65
N LEU B 121 -28.56 -35.15 -15.65
CA LEU B 121 -30.01 -35.05 -15.64
C LEU B 121 -30.63 -35.72 -14.41
N LYS B 122 -30.04 -36.85 -13.96
CA LYS B 122 -30.43 -37.62 -12.77
C LYS B 122 -30.25 -36.78 -11.49
N SER B 123 -29.29 -35.84 -11.47
CA SER B 123 -29.02 -34.96 -10.33
C SER B 123 -29.93 -33.72 -10.28
N GLY B 124 -30.75 -33.52 -11.32
CA GLY B 124 -31.72 -32.44 -11.41
C GLY B 124 -31.33 -31.18 -12.15
N THR B 125 -30.12 -31.17 -12.76
CA THR B 125 -29.61 -30.01 -13.50
C THR B 125 -29.23 -30.39 -14.94
N ALA B 126 -29.22 -29.40 -15.85
CA ALA B 126 -28.87 -29.60 -17.25
C ALA B 126 -27.95 -28.49 -17.75
N SER B 127 -26.72 -28.87 -18.15
CA SER B 127 -25.73 -27.96 -18.70
C SER B 127 -25.50 -28.32 -20.16
N VAL B 128 -25.70 -27.36 -21.06
CA VAL B 128 -25.47 -27.56 -22.48
C VAL B 128 -24.16 -26.84 -22.81
N VAL B 129 -23.20 -27.54 -23.42
CA VAL B 129 -21.87 -26.97 -23.69
C VAL B 129 -21.60 -26.80 -25.19
N CYS B 130 -21.14 -25.59 -25.56
CA CYS B 130 -20.76 -25.26 -26.93
C CYS B 130 -19.27 -24.99 -26.94
N LEU B 131 -18.53 -25.72 -27.77
CA LEU B 131 -17.09 -25.58 -27.90
C LEU B 131 -16.71 -24.92 -29.22
N LEU B 132 -15.90 -23.85 -29.15
CA LEU B 132 -15.34 -23.12 -30.29
C LEU B 132 -13.86 -23.48 -30.22
N ASN B 133 -13.43 -24.40 -31.06
CA ASN B 133 -12.07 -24.90 -30.97
C ASN B 133 -11.12 -24.39 -32.04
N ASN B 134 -9.90 -24.07 -31.61
CA ASN B 134 -8.74 -23.69 -32.44
C ASN B 134 -9.01 -22.55 -33.43
N PHE B 135 -9.32 -21.36 -32.90
CA PHE B 135 -9.56 -20.20 -33.74
C PHE B 135 -8.53 -19.10 -33.52
N TYR B 136 -8.45 -18.17 -34.47
CA TYR B 136 -7.55 -17.01 -34.46
C TYR B 136 -8.07 -15.99 -35.48
N PRO B 137 -8.15 -14.66 -35.16
CA PRO B 137 -7.82 -14.01 -33.88
C PRO B 137 -8.80 -14.27 -32.74
N ARG B 138 -8.47 -13.74 -31.54
CA ARG B 138 -9.20 -13.87 -30.27
C ARG B 138 -10.71 -13.60 -30.34
N GLU B 139 -11.11 -12.55 -31.07
CA GLU B 139 -12.50 -12.08 -31.18
C GLU B 139 -13.45 -13.13 -31.76
N ALA B 140 -14.38 -13.60 -30.92
CA ALA B 140 -15.39 -14.60 -31.31
C ALA B 140 -16.70 -14.32 -30.58
N LYS B 141 -17.84 -14.55 -31.27
CA LYS B 141 -19.18 -14.33 -30.74
C LYS B 141 -19.97 -15.64 -30.74
N VAL B 142 -20.63 -15.95 -29.61
CA VAL B 142 -21.49 -17.12 -29.44
C VAL B 142 -22.89 -16.63 -29.06
N GLN B 143 -23.91 -17.19 -29.70
CA GLN B 143 -25.32 -16.85 -29.48
C GLN B 143 -26.08 -18.16 -29.28
N TRP B 144 -26.74 -18.33 -28.12
CA TRP B 144 -27.51 -19.53 -27.79
C TRP B 144 -28.98 -19.34 -28.19
N LYS B 145 -29.58 -20.40 -28.75
CA LYS B 145 -30.99 -20.38 -29.13
C LYS B 145 -31.67 -21.66 -28.67
N VAL B 146 -32.77 -21.51 -27.92
CA VAL B 146 -33.57 -22.62 -27.38
C VAL B 146 -34.96 -22.48 -28.00
N ASP B 147 -35.28 -23.34 -28.99
CA ASP B 147 -36.53 -23.30 -29.79
C ASP B 147 -36.71 -21.90 -30.41
N ASN B 148 -35.62 -21.36 -31.01
CA ASN B 148 -35.51 -20.03 -31.63
C ASN B 148 -35.50 -18.84 -30.66
N ALA B 149 -35.54 -19.09 -29.34
CA ALA B 149 -35.50 -18.00 -28.36
C ALA B 149 -34.05 -17.69 -27.99
N LEU B 150 -33.62 -16.44 -28.28
CA LEU B 150 -32.27 -15.95 -28.00
C LEU B 150 -32.04 -15.90 -26.49
N GLN B 151 -31.02 -16.62 -26.01
CA GLN B 151 -30.67 -16.70 -24.60
C GLN B 151 -29.79 -15.52 -24.22
N SER B 152 -30.24 -14.70 -23.28
CA SER B 152 -29.48 -13.52 -22.88
C SER B 152 -29.17 -13.46 -21.38
N GLY B 153 -27.89 -13.61 -21.04
CA GLY B 153 -27.41 -13.53 -19.68
C GLY B 153 -27.39 -14.80 -18.84
N ASN B 154 -27.81 -15.94 -19.41
CA ASN B 154 -27.84 -17.22 -18.67
C ASN B 154 -26.72 -18.18 -19.08
N SER B 155 -25.72 -17.69 -19.81
CA SER B 155 -24.56 -18.47 -20.22
C SER B 155 -23.28 -17.83 -19.73
N GLN B 156 -22.27 -18.66 -19.50
CA GLN B 156 -20.95 -18.22 -19.05
C GLN B 156 -19.93 -18.77 -19.99
N GLU B 157 -18.98 -17.93 -20.37
CA GLU B 157 -17.93 -18.37 -21.27
C GLU B 157 -16.54 -18.29 -20.67
N SER B 158 -15.63 -19.11 -21.20
CA SER B 158 -14.25 -19.20 -20.77
C SER B 158 -13.36 -19.38 -21.99
N VAL B 159 -12.17 -18.75 -22.00
CA VAL B 159 -11.24 -18.82 -23.14
C VAL B 159 -9.88 -19.28 -22.66
N THR B 160 -9.21 -20.11 -23.46
CA THR B 160 -7.84 -20.56 -23.16
C THR B 160 -6.85 -19.50 -23.67
N GLU B 161 -5.58 -19.61 -23.26
CA GLU B 161 -4.52 -18.74 -23.75
C GLU B 161 -4.04 -19.35 -25.10
N GLN B 162 -3.07 -18.73 -25.79
CA GLN B 162 -2.56 -19.29 -27.05
C GLN B 162 -2.06 -20.72 -26.90
N ASP B 163 -2.58 -21.63 -27.75
CA ASP B 163 -2.29 -23.06 -27.72
C ASP B 163 -0.81 -23.39 -27.75
N SER B 164 -0.39 -24.36 -26.91
CA SER B 164 0.99 -24.85 -26.80
C SER B 164 1.61 -25.20 -28.14
N LYS B 165 0.80 -25.70 -29.11
CA LYS B 165 1.30 -26.07 -30.44
C LYS B 165 1.03 -25.04 -31.55
N ASP B 166 -0.25 -24.73 -31.83
CA ASP B 166 -0.63 -23.88 -32.96
C ASP B 166 -0.96 -22.40 -32.76
N SER B 167 -0.77 -21.83 -31.54
CA SER B 167 -1.04 -20.41 -31.25
C SER B 167 -2.52 -19.97 -31.45
N THR B 168 -3.44 -20.93 -31.38
CA THR B 168 -4.87 -20.63 -31.50
C THR B 168 -5.51 -20.49 -30.12
N TYR B 169 -6.76 -20.01 -30.11
CA TYR B 169 -7.56 -19.91 -28.90
C TYR B 169 -8.69 -20.90 -28.99
N SER B 170 -9.22 -21.32 -27.84
CA SER B 170 -10.40 -22.16 -27.78
C SER B 170 -11.32 -21.52 -26.78
N LEU B 171 -12.64 -21.63 -27.00
CA LEU B 171 -13.65 -21.03 -26.15
C LEU B 171 -14.73 -22.05 -25.85
N SER B 172 -15.19 -22.10 -24.60
CA SER B 172 -16.31 -22.93 -24.20
C SER B 172 -17.41 -22.01 -23.65
N SER B 173 -18.66 -22.32 -23.97
CA SER B 173 -19.83 -21.59 -23.50
C SER B 173 -20.77 -22.61 -22.91
N THR B 174 -21.21 -22.38 -21.67
CA THR B 174 -22.09 -23.29 -20.94
C THR B 174 -23.42 -22.61 -20.64
N LEU B 175 -24.52 -23.23 -21.11
CA LEU B 175 -25.87 -22.75 -20.89
C LEU B 175 -26.47 -23.60 -19.78
N THR B 176 -26.85 -22.96 -18.66
CA THR B 176 -27.42 -23.63 -17.49
C THR B 176 -28.94 -23.52 -17.44
N LEU B 177 -29.61 -24.67 -17.29
CA LEU B 177 -31.07 -24.78 -17.16
C LEU B 177 -31.41 -25.84 -16.13
N SER B 178 -32.61 -25.77 -15.54
CA SER B 178 -33.07 -26.81 -14.64
C SER B 178 -33.48 -27.99 -15.54
N LYS B 179 -33.59 -29.20 -14.98
CA LYS B 179 -34.01 -30.39 -15.72
C LYS B 179 -35.44 -30.16 -16.26
N ALA B 180 -36.33 -29.56 -15.43
CA ALA B 180 -37.71 -29.25 -15.80
C ALA B 180 -37.81 -28.36 -17.03
N ASP B 181 -37.03 -27.26 -17.08
CA ASP B 181 -37.02 -26.32 -18.21
C ASP B 181 -36.39 -26.94 -19.44
N TYR B 182 -35.34 -27.77 -19.26
CA TYR B 182 -34.65 -28.46 -20.34
C TYR B 182 -35.60 -29.39 -21.10
N GLU B 183 -36.46 -30.13 -20.37
CA GLU B 183 -37.43 -31.10 -20.90
C GLU B 183 -38.65 -30.46 -21.59
N LYS B 184 -38.83 -29.13 -21.45
CA LYS B 184 -39.94 -28.38 -22.06
C LYS B 184 -39.62 -27.90 -23.48
N HIS B 185 -38.35 -28.00 -23.90
CA HIS B 185 -37.89 -27.55 -25.21
C HIS B 185 -37.21 -28.65 -26.03
N LYS B 186 -37.18 -28.47 -27.36
CA LYS B 186 -36.63 -29.46 -28.27
C LYS B 186 -35.28 -29.06 -28.87
N VAL B 187 -35.26 -27.97 -29.66
CA VAL B 187 -34.08 -27.50 -30.40
C VAL B 187 -33.13 -26.64 -29.55
N TYR B 188 -31.88 -27.13 -29.39
CA TYR B 188 -30.81 -26.44 -28.67
C TYR B 188 -29.71 -26.13 -29.66
N ALA B 189 -29.40 -24.82 -29.82
CA ALA B 189 -28.45 -24.38 -30.84
C ALA B 189 -27.49 -23.31 -30.38
N CYS B 190 -26.31 -23.29 -31.00
CA CYS B 190 -25.29 -22.28 -30.73
C CYS B 190 -24.78 -21.76 -32.05
N GLU B 191 -24.92 -20.46 -32.27
CA GLU B 191 -24.52 -19.75 -33.47
C GLU B 191 -23.19 -19.05 -33.20
N VAL B 192 -22.21 -19.31 -34.05
CA VAL B 192 -20.85 -18.77 -33.93
C VAL B 192 -20.50 -17.77 -35.02
N THR B 193 -19.95 -16.60 -34.62
CA THR B 193 -19.49 -15.54 -35.50
C THR B 193 -17.98 -15.34 -35.27
N HIS B 194 -17.22 -15.33 -36.37
CA HIS B 194 -15.75 -15.15 -36.36
C HIS B 194 -15.33 -14.68 -37.75
N GLN B 195 -14.25 -13.85 -37.85
CA GLN B 195 -13.78 -13.36 -39.16
C GLN B 195 -13.36 -14.47 -40.14
N GLY B 196 -12.98 -15.63 -39.61
CA GLY B 196 -12.64 -16.80 -40.40
C GLY B 196 -13.85 -17.45 -41.05
N LEU B 197 -15.06 -17.03 -40.65
CA LEU B 197 -16.32 -17.53 -41.18
C LEU B 197 -17.04 -16.43 -41.98
N ALA B 198 -17.30 -16.69 -43.28
CA ALA B 198 -17.98 -15.80 -44.22
C ALA B 198 -19.42 -15.51 -43.77
N SER B 199 -20.02 -16.48 -43.08
CA SER B 199 -21.38 -16.43 -42.57
C SER B 199 -21.42 -17.18 -41.24
N PRO B 200 -22.25 -16.77 -40.23
CA PRO B 200 -22.28 -17.50 -38.95
C PRO B 200 -22.60 -18.99 -39.09
N VAL B 201 -21.97 -19.82 -38.25
CA VAL B 201 -22.12 -21.28 -38.23
C VAL B 201 -22.97 -21.70 -37.03
N THR B 202 -24.00 -22.53 -37.27
CA THR B 202 -24.87 -23.05 -36.21
C THR B 202 -24.72 -24.56 -36.07
N LYS B 203 -24.53 -25.02 -34.82
CA LYS B 203 -24.48 -26.43 -34.47
C LYS B 203 -25.65 -26.66 -33.55
N SER B 204 -26.43 -27.70 -33.81
CA SER B 204 -27.63 -27.97 -33.03
C SER B 204 -27.93 -29.45 -32.84
N PHE B 205 -28.84 -29.73 -31.90
CA PHE B 205 -29.33 -31.07 -31.60
C PHE B 205 -30.77 -30.94 -31.13
N ASN B 206 -31.57 -32.00 -31.32
CA ASN B 206 -32.94 -32.04 -30.82
C ASN B 206 -32.90 -32.96 -29.61
N ARG B 207 -33.40 -32.49 -28.46
CA ARG B 207 -33.44 -33.23 -27.20
C ARG B 207 -34.18 -34.57 -27.38
N GLY B 208 -33.56 -35.65 -26.90
CA GLY B 208 -34.13 -36.99 -26.95
C GLY B 208 -33.70 -37.84 -28.13
N GLU B 209 -33.57 -37.23 -29.32
CA GLU B 209 -33.19 -37.95 -30.54
C GLU B 209 -31.70 -37.87 -30.87
N CYS B 210 -31.10 -39.03 -31.20
CA CYS B 210 -29.69 -39.18 -31.56
C CYS B 210 -29.47 -40.41 -32.45
N VAL C 1 33.71 33.03 -2.17
CA VAL C 1 32.55 32.84 -1.29
C VAL C 1 32.70 31.62 -0.35
N TRP C 2 31.70 30.72 -0.32
CA TRP C 2 31.69 29.53 0.54
C TRP C 2 30.97 28.33 -0.08
N LYS C 3 31.34 27.12 0.36
CA LYS C 3 30.74 25.86 -0.10
C LYS C 3 30.14 25.06 1.05
N GLU C 4 28.97 24.44 0.80
CA GLU C 4 28.25 23.62 1.78
C GLU C 4 29.09 22.39 2.13
N ALA C 5 29.41 22.21 3.42
CA ALA C 5 30.25 21.11 3.89
C ALA C 5 29.66 20.34 5.07
N THR C 6 30.19 19.13 5.30
CA THR C 6 29.80 18.26 6.41
C THR C 6 30.99 18.18 7.36
N ALA C 7 31.06 19.13 8.31
CA ALA C 7 32.13 19.26 9.29
C ALA C 7 31.70 18.71 10.65
N THR C 8 32.67 18.29 11.47
CA THR C 8 32.41 17.78 12.81
C THR C 8 32.30 18.98 13.76
N LEU C 9 31.07 19.33 14.13
CA LEU C 9 30.78 20.45 15.02
C LEU C 9 31.11 20.09 16.47
N PHE C 10 31.37 21.11 17.29
CA PHE C 10 31.58 20.94 18.73
C PHE C 10 30.38 21.57 19.44
N CYS C 11 30.20 21.24 20.72
CA CYS C 11 29.07 21.76 21.47
C CYS C 11 29.44 22.65 22.66
N ALA C 12 28.53 23.57 23.01
CA ALA C 12 28.68 24.51 24.12
C ALA C 12 27.39 24.59 24.92
N SER C 13 27.50 24.78 26.25
CA SER C 13 26.34 24.87 27.15
C SER C 13 26.67 25.63 28.44
N ASP C 14 25.66 25.87 29.27
CA ASP C 14 25.80 26.51 30.57
C ASP C 14 25.62 25.45 31.68
N ALA C 15 26.03 24.20 31.37
CA ALA C 15 25.98 23.04 32.26
C ALA C 15 26.71 23.32 33.57
N LYS C 16 26.12 22.84 34.67
CA LYS C 16 26.68 23.02 35.99
C LYS C 16 27.41 21.76 36.43
N ALA C 17 28.68 21.93 36.85
CA ALA C 17 29.54 20.82 37.29
C ALA C 17 29.07 20.16 38.58
N TYR C 18 28.37 20.90 39.45
CA TYR C 18 27.83 20.39 40.73
C TYR C 18 26.58 19.52 40.54
N GLU C 19 25.88 19.69 39.40
CA GLU C 19 24.64 18.98 39.11
C GLU C 19 24.79 17.48 38.86
N THR C 20 23.86 16.69 39.43
CA THR C 20 23.75 15.23 39.25
C THR C 20 22.77 14.99 38.08
N GLU C 21 22.12 16.07 37.60
CA GLU C 21 21.20 16.01 36.47
C GLU C 21 21.98 15.55 35.23
N VAL C 22 21.44 14.50 34.60
CA VAL C 22 21.93 13.74 33.46
C VAL C 22 22.44 14.54 32.24
N HIS C 23 21.69 15.57 31.81
CA HIS C 23 22.08 16.43 30.68
C HIS C 23 23.29 17.29 31.07
N ASN C 24 23.29 17.81 32.33
CA ASN C 24 24.38 18.62 32.87
C ASN C 24 25.69 17.82 32.95
N VAL C 25 25.60 16.53 33.33
CA VAL C 25 26.77 15.63 33.46
C VAL C 25 27.36 15.38 32.07
N TRP C 26 26.51 14.98 31.09
CA TRP C 26 26.94 14.74 29.70
C TRP C 26 27.62 15.99 29.12
N ALA C 27 26.99 17.17 29.28
CA ALA C 27 27.52 18.43 28.75
C ALA C 27 28.80 18.91 29.43
N THR C 28 29.02 18.55 30.70
CA THR C 28 30.26 18.92 31.41
C THR C 28 31.47 18.26 30.73
N HIS C 29 31.32 17.00 30.25
CA HIS C 29 32.44 16.31 29.58
C HIS C 29 32.54 16.54 28.07
N ALA C 30 31.38 16.62 27.39
CA ALA C 30 31.32 16.79 25.93
C ALA C 30 31.38 18.24 25.44
N CYS C 31 30.91 19.21 26.24
CA CYS C 31 30.83 20.61 25.84
C CYS C 31 31.83 21.58 26.46
N VAL C 32 31.92 22.78 25.87
CA VAL C 32 32.75 23.90 26.31
C VAL C 32 31.80 24.99 26.84
N PRO C 33 32.25 26.05 27.55
CA PRO C 33 31.31 27.09 28.00
C PRO C 33 30.70 27.88 26.83
N THR C 34 29.52 28.48 27.06
CA THR C 34 28.83 29.31 26.07
C THR C 34 29.63 30.59 25.87
N ASP C 35 29.75 31.06 24.61
CA ASP C 35 30.48 32.28 24.24
C ASP C 35 29.88 33.47 25.00
N PRO C 36 30.65 34.16 25.88
CA PRO C 36 30.09 35.31 26.61
C PRO C 36 29.63 36.43 25.67
N ASN C 37 30.45 36.73 24.63
CA ASN C 37 30.13 37.74 23.62
C ASN C 37 30.03 37.12 22.21
N PRO C 38 28.90 36.45 21.86
CA PRO C 38 28.80 35.86 20.52
C PRO C 38 28.54 36.92 19.45
N GLN C 39 29.31 36.85 18.34
CA GLN C 39 29.20 37.80 17.25
C GLN C 39 28.41 37.24 16.07
N GLU C 40 27.41 38.02 15.62
CA GLU C 40 26.55 37.70 14.48
C GLU C 40 26.79 38.78 13.41
N VAL C 41 27.18 38.35 12.20
CA VAL C 41 27.44 39.27 11.10
C VAL C 41 26.34 39.11 10.05
N VAL C 42 25.49 40.15 9.92
CA VAL C 42 24.39 40.18 8.95
C VAL C 42 24.98 40.44 7.56
N LEU C 43 24.70 39.56 6.59
CA LEU C 43 25.24 39.66 5.24
C LEU C 43 24.35 40.46 4.29
N GLU C 44 24.97 41.43 3.58
CA GLU C 44 24.30 42.31 2.62
C GLU C 44 24.34 41.75 1.19
N ASN C 45 23.20 41.87 0.46
CA ASN C 45 23.01 41.40 -0.93
C ASN C 45 23.33 39.90 -1.13
N VAL C 46 23.04 39.05 -0.11
CA VAL C 46 23.32 37.62 -0.13
C VAL C 46 22.06 36.75 -0.06
N THR C 47 21.87 35.90 -1.07
CA THR C 47 20.78 34.92 -1.11
C THR C 47 21.40 33.52 -1.09
N GLU C 48 21.06 32.73 -0.06
CA GLU C 48 21.58 31.38 0.13
C GLU C 48 20.46 30.36 0.24
N ASN C 49 20.70 29.15 -0.29
CA ASN C 49 19.74 28.05 -0.24
C ASN C 49 19.90 27.23 1.02
N PHE C 50 18.77 26.89 1.65
CA PHE C 50 18.74 26.06 2.85
C PHE C 50 17.77 24.91 2.62
N ASN C 51 18.03 23.75 3.24
CA ASN C 51 17.15 22.60 3.14
C ASN C 51 17.15 21.87 4.45
N MET C 52 16.12 22.12 5.27
CA MET C 52 15.95 21.53 6.59
C MET C 52 15.84 19.99 6.58
N TRP C 53 15.33 19.42 5.47
CA TRP C 53 15.11 17.98 5.28
C TRP C 53 16.39 17.22 4.93
N LYS C 54 17.42 17.95 4.45
CA LYS C 54 18.74 17.42 4.08
C LYS C 54 19.83 18.22 4.80
N ASN C 55 19.74 18.28 6.14
CA ASN C 55 20.67 19.03 6.97
C ASN C 55 21.49 18.05 7.83
N ASN C 56 22.81 17.97 7.58
CA ASN C 56 23.73 17.08 8.28
C ASN C 56 23.87 17.37 9.79
N MET C 57 23.48 18.59 10.22
CA MET C 57 23.50 19.01 11.63
C MET C 57 22.49 18.20 12.45
N VAL C 58 21.36 17.81 11.82
CA VAL C 58 20.29 17.00 12.41
C VAL C 58 20.89 15.62 12.82
N GLU C 59 21.65 14.99 11.90
CA GLU C 59 22.31 13.70 12.08
C GLU C 59 23.32 13.73 13.23
N GLN C 60 24.08 14.81 13.35
CA GLN C 60 25.05 14.94 14.43
C GLN C 60 24.40 15.10 15.77
N MET C 61 23.35 15.89 15.83
CA MET C 61 22.59 16.08 17.06
C MET C 61 21.93 14.76 17.48
N HIS C 62 21.33 14.04 16.52
CA HIS C 62 20.69 12.74 16.75
C HIS C 62 21.67 11.77 17.42
N GLU C 63 22.90 11.66 16.90
CA GLU C 63 23.97 10.80 17.44
C GLU C 63 24.30 11.18 18.90
N ASP C 64 24.37 12.50 19.20
CA ASP C 64 24.66 13.00 20.54
C ASP C 64 23.58 12.67 21.55
N ILE C 65 22.30 12.83 21.17
CA ILE C 65 21.17 12.54 22.06
C ILE C 65 21.02 11.04 22.32
N ILE C 66 21.31 10.18 21.29
CA ILE C 66 21.27 8.72 21.44
C ILE C 66 22.30 8.31 22.52
N SER C 67 23.56 8.79 22.39
CA SER C 67 24.62 8.50 23.34
C SER C 67 24.28 9.04 24.75
N LEU C 68 23.68 10.24 24.83
CA LEU C 68 23.26 10.85 26.10
C LEU C 68 22.28 9.89 26.80
N TRP C 69 21.22 9.45 26.09
CA TRP C 69 20.21 8.52 26.62
C TRP C 69 20.79 7.15 26.98
N ASP C 70 21.64 6.58 26.09
CA ASP C 70 22.28 5.28 26.31
C ASP C 70 23.17 5.20 27.54
N GLN C 71 23.97 6.25 27.80
CA GLN C 71 24.85 6.27 28.97
C GLN C 71 24.17 6.80 30.25
N SER C 72 22.98 7.42 30.12
CA SER C 72 22.26 8.02 31.24
C SER C 72 21.10 7.21 31.81
N LEU C 73 20.25 6.64 30.94
CA LEU C 73 19.09 5.90 31.40
C LEU C 73 19.41 4.52 31.96
N LYS C 74 18.74 4.17 33.06
CA LYS C 74 19.00 2.93 33.79
C LYS C 74 17.76 2.00 33.82
N PRO C 75 17.50 1.23 32.73
CA PRO C 75 16.34 0.32 32.75
C PRO C 75 16.62 -0.99 33.49
N CYS C 76 15.58 -1.57 34.13
CA CYS C 76 15.66 -2.85 34.86
C CYS C 76 15.98 -3.95 33.88
N VAL C 77 15.22 -3.99 32.76
CA VAL C 77 15.35 -4.98 31.70
C VAL C 77 15.41 -4.33 30.32
N LYS C 78 16.33 -4.80 29.48
CA LYS C 78 16.52 -4.30 28.13
C LYS C 78 16.49 -5.46 27.16
N LEU C 79 15.72 -5.33 26.12
CA LEU C 79 15.56 -6.33 25.10
C LEU C 79 15.98 -5.75 23.77
N THR C 80 17.05 -6.25 23.21
CA THR C 80 17.52 -5.84 21.94
C THR C 80 18.04 -7.04 21.20
N GLY C 81 17.51 -7.26 20.03
CA GLY C 81 17.93 -8.36 19.21
C GLY C 81 17.59 -9.73 19.69
N GLY C 82 16.55 -9.87 20.47
CA GLY C 82 16.17 -11.19 20.93
C GLY C 82 16.87 -11.60 22.19
N SER C 83 17.70 -10.72 22.73
CA SER C 83 18.41 -11.00 23.96
C SER C 83 18.12 -9.97 25.05
N VAL C 84 18.02 -10.43 26.28
CA VAL C 84 17.62 -9.60 27.36
C VAL C 84 18.67 -9.53 28.43
N ILE C 85 18.77 -8.40 29.04
CA ILE C 85 19.79 -8.04 30.03
C ILE C 85 19.10 -7.36 31.23
N THR C 86 19.41 -7.81 32.45
CA THR C 86 18.87 -7.26 33.68
C THR C 86 19.97 -6.56 34.47
N GLN C 87 19.70 -5.35 34.97
CA GLN C 87 20.67 -4.54 35.70
C GLN C 87 19.99 -3.66 36.77
N ALA C 88 20.79 -3.13 37.73
CA ALA C 88 20.31 -2.21 38.77
C ALA C 88 19.71 -0.98 38.09
N CYS C 89 18.55 -0.54 38.57
CA CYS C 89 17.79 0.56 37.96
C CYS C 89 17.44 1.68 38.96
N PRO C 90 18.43 2.41 39.55
CA PRO C 90 18.06 3.51 40.45
C PRO C 90 17.48 4.69 39.66
N LYS C 91 16.67 5.51 40.33
CA LYS C 91 16.05 6.68 39.73
C LYS C 91 17.11 7.74 39.44
N ILE C 92 16.92 8.52 38.37
CA ILE C 92 17.86 9.55 37.94
C ILE C 92 17.24 10.96 37.96
N SER C 93 18.09 12.00 37.86
CA SER C 93 17.67 13.39 37.77
C SER C 93 17.70 13.72 36.27
N PHE C 94 16.51 13.96 35.68
CA PHE C 94 16.37 14.20 34.23
C PHE C 94 15.57 15.47 33.92
N GLU C 95 16.23 16.45 33.29
CA GLU C 95 15.63 17.72 32.85
C GLU C 95 16.51 18.33 31.73
N PRO C 96 16.04 18.32 30.45
CA PRO C 96 16.89 18.86 29.37
C PRO C 96 17.39 20.30 29.57
N ILE C 97 18.60 20.57 29.07
CA ILE C 97 19.24 21.89 29.14
C ILE C 97 19.55 22.34 27.72
N PRO C 98 19.63 23.66 27.42
CA PRO C 98 19.96 24.06 26.04
C PRO C 98 21.39 23.70 25.63
N ILE C 99 21.56 23.17 24.41
CA ILE C 99 22.86 22.79 23.85
C ILE C 99 23.09 23.60 22.56
N HIS C 100 24.26 24.26 22.45
CA HIS C 100 24.62 25.04 21.26
C HIS C 100 25.61 24.25 20.41
N TYR C 101 25.42 24.24 19.09
CA TYR C 101 26.34 23.58 18.15
C TYR C 101 27.19 24.62 17.46
N CYS C 102 28.52 24.48 17.56
CA CYS C 102 29.49 25.45 17.09
C CYS C 102 30.38 25.00 15.96
N ALA C 103 30.71 25.93 15.06
CA ALA C 103 31.55 25.68 13.89
C ALA C 103 33.04 25.79 14.24
N PRO C 104 33.87 24.82 13.81
CA PRO C 104 35.31 24.94 14.09
C PRO C 104 36.00 25.89 13.10
N ALA C 105 37.32 26.10 13.24
CA ALA C 105 38.08 26.97 12.34
C ALA C 105 37.99 26.51 10.89
N GLY C 106 37.91 27.47 9.97
CA GLY C 106 37.76 27.21 8.54
C GLY C 106 36.32 26.98 8.13
N PHE C 107 35.41 26.95 9.13
CA PHE C 107 33.98 26.73 8.93
C PHE C 107 33.13 27.78 9.62
N ALA C 108 31.91 27.97 9.12
CA ALA C 108 30.94 28.91 9.66
C ALA C 108 29.55 28.30 9.61
N ILE C 109 28.64 28.84 10.41
CA ILE C 109 27.25 28.43 10.41
C ILE C 109 26.47 29.61 9.84
N LEU C 110 25.68 29.35 8.79
CA LEU C 110 24.85 30.36 8.16
C LEU C 110 23.47 30.25 8.76
N LYS C 111 22.86 31.40 9.12
CA LYS C 111 21.54 31.45 9.75
C LYS C 111 20.54 32.18 8.86
N CYS C 112 19.37 31.55 8.63
CA CYS C 112 18.28 32.12 7.85
C CYS C 112 17.48 33.06 8.76
N ASN C 113 17.37 34.34 8.37
CA ASN C 113 16.64 35.36 9.14
C ASN C 113 15.27 35.71 8.55
N ASP C 114 14.87 35.03 7.45
CA ASP C 114 13.55 35.22 6.83
C ASP C 114 12.50 34.64 7.77
N LYS C 115 11.67 35.51 8.36
CA LYS C 115 10.63 35.19 9.36
C LYS C 115 9.56 34.20 8.86
N LYS C 116 9.32 34.18 7.54
CA LYS C 116 8.32 33.33 6.88
C LYS C 116 8.93 32.10 6.17
N PHE C 117 10.25 31.83 6.36
CA PHE C 117 10.98 30.72 5.74
C PHE C 117 10.23 29.39 5.87
N ASN C 118 9.98 28.71 4.72
CA ASN C 118 9.20 27.46 4.67
C ASN C 118 10.00 26.17 4.92
N GLY C 119 11.32 26.28 5.02
CA GLY C 119 12.18 25.13 5.24
C GLY C 119 13.11 24.74 4.10
N THR C 120 12.78 25.14 2.85
CA THR C 120 13.59 24.83 1.66
C THR C 120 13.78 26.04 0.73
N GLY C 121 14.76 25.94 -0.14
CA GLY C 121 15.03 26.96 -1.15
C GLY C 121 15.74 28.21 -0.67
N PRO C 122 15.60 29.31 -1.44
CA PRO C 122 16.34 30.54 -1.11
C PRO C 122 15.89 31.33 0.12
N CYS C 123 16.85 32.07 0.68
CA CYS C 123 16.67 32.97 1.82
C CYS C 123 17.51 34.21 1.57
N THR C 124 16.89 35.40 1.64
CA THR C 124 17.54 36.70 1.36
C THR C 124 18.26 37.36 2.53
N ASN C 125 17.74 37.21 3.76
CA ASN C 125 18.38 37.79 4.94
C ASN C 125 19.13 36.68 5.65
N VAL C 126 20.47 36.65 5.47
CA VAL C 126 21.34 35.60 6.02
C VAL C 126 22.43 36.24 6.89
N SER C 127 22.81 35.56 7.99
CA SER C 127 23.87 35.99 8.88
C SER C 127 24.81 34.86 9.24
N THR C 128 26.08 35.18 9.49
CA THR C 128 27.09 34.20 9.89
C THR C 128 27.10 34.15 11.42
N VAL C 129 27.01 32.96 11.99
CA VAL C 129 27.04 32.74 13.43
C VAL C 129 28.12 31.71 13.76
N GLN C 130 28.74 31.83 14.94
CA GLN C 130 29.75 30.87 15.37
C GLN C 130 29.04 29.62 15.92
N CYS C 131 27.94 29.85 16.66
CA CYS C 131 27.11 28.80 17.29
C CYS C 131 25.63 28.99 16.99
N THR C 132 24.86 27.90 17.10
CA THR C 132 23.41 27.92 16.98
C THR C 132 22.89 28.48 18.31
N HIS C 133 21.58 28.76 18.39
CA HIS C 133 20.95 29.15 19.65
C HIS C 133 20.94 27.88 20.54
N GLY C 134 20.55 28.03 21.81
CA GLY C 134 20.49 26.91 22.73
C GLY C 134 19.30 26.01 22.44
N ILE C 135 19.58 24.75 22.09
CA ILE C 135 18.54 23.77 21.76
C ILE C 135 18.39 22.71 22.86
N ARG C 136 17.17 22.57 23.39
CA ARG C 136 16.83 21.58 24.41
C ARG C 136 16.51 20.26 23.70
N PRO C 137 17.25 19.17 23.97
CA PRO C 137 16.96 17.91 23.27
C PRO C 137 15.73 17.18 23.84
N VAL C 138 14.53 17.77 23.62
CA VAL C 138 13.27 17.24 24.14
C VAL C 138 12.74 16.06 23.31
N VAL C 139 12.67 14.88 23.94
CA VAL C 139 12.15 13.66 23.33
C VAL C 139 10.67 13.56 23.64
N SER C 140 9.84 13.94 22.65
CA SER C 140 8.38 13.92 22.76
C SER C 140 7.73 13.56 21.43
N THR C 141 6.47 13.11 21.46
CA THR C 141 5.73 12.79 20.25
C THR C 141 4.50 13.67 20.16
N GLN C 142 4.01 13.88 18.92
CA GLN C 142 2.81 14.67 18.59
C GLN C 142 3.05 16.16 18.81
N LEU C 143 3.33 16.54 20.07
CA LEU C 143 3.58 17.94 20.42
C LEU C 143 5.05 18.19 20.62
N LEU C 144 5.53 19.31 20.09
CA LEU C 144 6.92 19.75 20.26
C LEU C 144 6.89 20.67 21.48
N LEU C 145 7.72 20.36 22.49
CA LEU C 145 7.75 21.09 23.75
C LEU C 145 9.05 21.80 24.00
N ASN C 146 8.96 22.97 24.67
CA ASN C 146 10.09 23.82 25.09
C ASN C 146 11.05 24.25 23.98
N GLY C 147 10.53 24.39 22.76
CA GLY C 147 11.31 24.81 21.61
C GLY C 147 11.23 26.30 21.36
N SER C 148 11.66 26.73 20.16
CA SER C 148 11.63 28.14 19.77
C SER C 148 10.35 28.46 19.02
N LEU C 149 9.89 29.71 19.13
CA LEU C 149 8.66 30.16 18.47
C LEU C 149 8.94 30.83 17.12
N ALA C 150 7.95 30.81 16.23
CA ALA C 150 8.03 31.52 14.95
C ALA C 150 7.95 33.01 15.31
N GLU C 151 8.80 33.85 14.71
CA GLU C 151 8.87 35.30 15.00
C GLU C 151 7.62 36.10 14.63
N GLU C 152 7.01 35.81 13.47
CA GLU C 152 5.82 36.51 13.02
C GLU C 152 4.55 35.69 13.27
N GLU C 153 4.04 34.99 12.26
CA GLU C 153 2.85 34.14 12.32
C GLU C 153 3.25 32.66 12.37
N ILE C 154 2.25 31.76 12.55
CA ILE C 154 2.44 30.31 12.54
C ILE C 154 3.00 29.91 11.16
N VAL C 155 4.00 29.03 11.15
CA VAL C 155 4.64 28.54 9.93
C VAL C 155 4.44 27.03 9.83
N ILE C 156 3.90 26.58 8.68
CA ILE C 156 3.67 25.16 8.33
C ILE C 156 4.86 24.73 7.48
N ARG C 157 5.54 23.64 7.85
CA ARG C 157 6.71 23.17 7.13
C ARG C 157 6.59 21.71 6.72
N SER C 158 6.73 21.46 5.43
CA SER C 158 6.69 20.13 4.86
C SER C 158 7.57 20.11 3.62
N GLU C 159 8.29 18.99 3.40
CA GLU C 159 9.13 18.79 2.21
C GLU C 159 8.25 18.86 0.96
N ASN C 160 6.99 18.37 1.07
CA ASN C 160 5.97 18.41 0.03
C ASN C 160 4.59 18.19 0.66
N ILE C 161 3.85 19.29 0.85
CA ILE C 161 2.50 19.29 1.46
C ILE C 161 1.48 18.40 0.72
N LYS C 162 1.66 18.21 -0.60
CA LYS C 162 0.79 17.39 -1.45
C LYS C 162 1.04 15.87 -1.31
N ASP C 163 2.13 15.48 -0.62
CA ASP C 163 2.50 14.09 -0.39
C ASP C 163 2.13 13.72 1.05
N ASN C 164 1.08 12.90 1.23
CA ASN C 164 0.60 12.46 2.55
C ASN C 164 1.63 11.68 3.37
N ALA C 165 2.63 11.05 2.70
CA ALA C 165 3.68 10.29 3.41
C ALA C 165 4.73 11.21 4.04
N LYS C 166 4.66 12.52 3.77
CA LYS C 166 5.62 13.49 4.32
C LYS C 166 5.06 14.17 5.56
N ILE C 167 5.86 14.15 6.65
CA ILE C 167 5.52 14.77 7.92
C ILE C 167 5.35 16.28 7.79
N ILE C 168 4.41 16.85 8.56
CA ILE C 168 4.15 18.29 8.60
C ILE C 168 4.64 18.79 9.97
N ILE C 169 5.59 19.73 9.98
CA ILE C 169 6.12 20.30 11.22
C ILE C 169 5.51 21.69 11.39
N VAL C 170 4.68 21.86 12.40
CA VAL C 170 4.03 23.15 12.68
C VAL C 170 4.87 23.89 13.73
N GLN C 171 5.16 25.18 13.49
CA GLN C 171 5.89 26.02 14.45
C GLN C 171 4.94 27.13 14.88
N LEU C 172 4.57 27.14 16.17
CA LEU C 172 3.66 28.11 16.75
C LEU C 172 4.34 29.44 16.97
N ASN C 173 3.55 30.54 17.01
CA ASN C 173 4.05 31.90 17.21
C ASN C 173 3.77 32.42 18.63
N GLU C 174 3.00 31.64 19.41
CA GLU C 174 2.62 31.89 20.80
C GLU C 174 2.63 30.56 21.53
N THR C 175 3.25 30.49 22.70
CA THR C 175 3.31 29.26 23.50
C THR C 175 1.94 28.88 24.06
N VAL C 176 1.68 27.56 24.16
CA VAL C 176 0.46 27.04 24.79
C VAL C 176 0.96 26.17 25.95
N GLU C 177 0.69 26.59 27.18
CA GLU C 177 1.15 25.88 28.36
C GLU C 177 0.45 24.53 28.56
N ILE C 178 1.23 23.50 28.89
CA ILE C 178 0.74 22.16 29.23
C ILE C 178 1.28 21.78 30.63
N ASN C 179 0.37 21.76 31.62
CA ASN C 179 0.59 21.46 33.05
C ASN C 179 0.32 19.95 33.27
N CYS C 180 1.35 19.15 33.58
CA CYS C 180 1.21 17.70 33.77
C CYS C 180 1.50 17.28 35.20
N THR C 181 0.61 16.47 35.81
CA THR C 181 0.77 16.02 37.21
C THR C 181 0.38 14.57 37.49
N ARG C 182 1.19 13.90 38.32
CA ARG C 182 0.89 12.59 38.89
C ARG C 182 0.65 12.97 40.37
N PRO C 183 -0.61 13.04 40.82
CA PRO C 183 -0.89 13.50 42.19
C PRO C 183 -0.24 12.72 43.33
N ASN C 184 0.00 13.40 44.46
CA ASN C 184 0.58 12.84 45.68
C ASN C 184 -0.43 11.86 46.29
N ASN C 185 0.00 10.59 46.51
CA ASN C 185 -0.80 9.48 47.05
C ASN C 185 -2.03 9.16 46.21
N GLY C 192 -3.99 5.86 45.94
CA GLY C 192 -4.70 5.28 44.81
C GLY C 192 -3.79 4.68 43.76
N ASP C 193 -4.09 4.92 42.48
CA ASP C 193 -3.32 4.42 41.34
C ASP C 193 -2.08 5.28 41.13
N ILE C 194 -0.90 4.71 41.46
CA ILE C 194 0.41 5.37 41.35
C ILE C 194 0.79 5.75 39.90
N ARG C 195 0.18 5.09 38.89
CA ARG C 195 0.45 5.33 37.47
C ARG C 195 -0.51 6.33 36.82
N GLN C 196 -1.63 6.65 37.49
CA GLN C 196 -2.63 7.58 36.97
C GLN C 196 -2.11 9.02 37.03
N ALA C 197 -2.19 9.73 35.89
CA ALA C 197 -1.75 11.12 35.78
C ALA C 197 -2.70 11.89 34.87
N HIS C 198 -2.50 13.21 34.74
CA HIS C 198 -3.30 14.07 33.86
C HIS C 198 -2.57 15.31 33.36
N CYS C 199 -3.01 15.86 32.22
CA CYS C 199 -2.47 17.06 31.60
C CYS C 199 -3.57 18.10 31.46
N ASN C 200 -3.26 19.35 31.82
CA ASN C 200 -4.20 20.47 31.69
C ASN C 200 -3.69 21.46 30.65
N ILE C 201 -4.58 21.87 29.75
CA ILE C 201 -4.33 22.82 28.66
C ILE C 201 -5.57 23.73 28.57
N SER C 202 -5.36 25.06 28.48
CA SER C 202 -6.44 26.04 28.32
C SER C 202 -7.18 25.69 27.02
N LYS C 203 -8.49 25.36 27.14
CA LYS C 203 -9.34 24.99 26.00
C LYS C 203 -9.42 26.10 24.96
N ALA C 204 -9.63 27.35 25.40
CA ALA C 204 -9.75 28.54 24.54
C ALA C 204 -8.45 28.85 23.81
N LYS C 205 -7.30 28.69 24.48
CA LYS C 205 -5.98 28.93 23.90
C LYS C 205 -5.66 27.88 22.84
N TRP C 206 -5.92 26.59 23.14
CA TRP C 206 -5.67 25.49 22.19
C TRP C 206 -6.55 25.59 20.95
N GLU C 207 -7.86 25.82 21.13
CA GLU C 207 -8.82 25.94 20.03
C GLU C 207 -8.52 27.12 19.08
N ASN C 208 -8.09 28.28 19.64
CA ASN C 208 -7.72 29.45 18.85
C ASN C 208 -6.43 29.19 18.07
N THR C 209 -5.56 28.38 18.66
CA THR C 209 -4.33 27.95 18.03
C THR C 209 -4.63 27.03 16.86
N LEU C 210 -5.55 26.12 17.05
CA LEU C 210 -6.03 25.17 16.03
C LEU C 210 -6.71 25.90 14.86
N LYS C 211 -7.47 26.96 15.17
CA LYS C 211 -8.16 27.81 14.19
C LYS C 211 -7.13 28.48 13.26
N GLN C 212 -6.01 28.96 13.83
CA GLN C 212 -4.93 29.61 13.10
C GLN C 212 -4.06 28.60 12.32
N ILE C 213 -3.92 27.36 12.84
CA ILE C 213 -3.19 26.29 12.15
C ILE C 213 -3.99 25.90 10.89
N ALA C 214 -5.33 25.78 11.05
CA ALA C 214 -6.26 25.44 9.97
C ALA C 214 -6.19 26.48 8.85
N ARG C 215 -6.06 27.77 9.21
CA ARG C 215 -5.95 28.88 8.27
C ARG C 215 -4.68 28.77 7.43
N LYS C 216 -3.54 28.44 8.07
CA LYS C 216 -2.25 28.26 7.42
C LYS C 216 -2.22 27.00 6.54
N LEU C 217 -2.94 25.95 6.95
CA LEU C 217 -3.05 24.71 6.18
C LEU C 217 -3.91 24.92 4.93
N ARG C 218 -5.00 25.72 5.06
CA ARG C 218 -5.94 26.07 3.99
C ARG C 218 -5.30 26.83 2.83
N GLU C 219 -4.12 27.45 3.04
CA GLU C 219 -3.39 28.16 1.99
C GLU C 219 -2.96 27.16 0.91
N HIS C 220 -2.68 25.90 1.31
CA HIS C 220 -2.27 24.81 0.42
C HIS C 220 -3.46 23.95 -0.01
N PHE C 221 -4.64 24.16 0.63
CA PHE C 221 -5.88 23.43 0.36
C PHE C 221 -7.04 24.45 0.34
N LYS C 222 -7.02 25.34 -0.70
CA LYS C 222 -7.97 26.45 -0.90
C LYS C 222 -9.44 26.07 -0.76
N ASN C 223 -10.19 26.89 0.02
CA ASN C 223 -11.63 26.75 0.31
C ASN C 223 -12.06 25.37 0.85
N GLU C 224 -11.12 24.60 1.43
CA GLU C 224 -11.39 23.28 1.99
C GLU C 224 -11.56 23.31 3.50
N THR C 225 -12.44 22.44 4.04
CA THR C 225 -12.66 22.27 5.47
C THR C 225 -11.45 21.54 6.04
N ILE C 226 -10.91 22.06 7.15
CA ILE C 226 -9.74 21.47 7.80
C ILE C 226 -10.22 20.75 9.05
N ALA C 227 -9.93 19.44 9.15
CA ALA C 227 -10.33 18.66 10.30
C ALA C 227 -9.13 18.10 11.05
N PHE C 228 -9.24 18.08 12.38
CA PHE C 228 -8.22 17.47 13.21
C PHE C 228 -8.84 16.25 13.86
N ASN C 229 -8.24 15.09 13.64
CA ASN C 229 -8.74 13.82 14.15
C ASN C 229 -7.62 13.13 14.95
N GLN C 230 -7.99 12.14 15.77
CA GLN C 230 -7.07 11.37 16.61
C GLN C 230 -6.16 10.48 15.76
N SER C 231 -5.05 9.99 16.36
CA SER C 231 -4.09 9.09 15.73
C SER C 231 -4.80 7.84 15.15
N SER C 232 -4.41 7.42 13.94
CA SER C 232 -4.99 6.24 13.28
C SER C 232 -4.43 4.91 13.81
N GLY C 233 -3.30 4.96 14.49
CA GLY C 233 -2.69 3.75 15.04
C GLY C 233 -1.19 3.83 15.18
N GLY C 234 -0.60 2.71 15.59
CA GLY C 234 0.83 2.59 15.82
C GLY C 234 1.18 2.20 17.24
N ASP C 235 2.47 2.31 17.58
CA ASP C 235 3.01 2.02 18.91
C ASP C 235 2.40 3.00 19.94
N PRO C 236 2.29 2.64 21.24
CA PRO C 236 1.72 3.60 22.22
C PRO C 236 2.46 4.94 22.25
N GLU C 237 3.78 4.93 21.94
CA GLU C 237 4.63 6.12 21.88
C GLU C 237 4.14 7.14 20.87
N ILE C 238 3.54 6.69 19.75
CA ILE C 238 3.06 7.60 18.71
C ILE C 238 1.54 7.85 18.65
N VAL C 239 0.72 6.87 19.14
CA VAL C 239 -0.75 7.03 19.21
C VAL C 239 -1.13 8.05 20.28
N MET C 240 -0.29 8.17 21.31
CA MET C 240 -0.49 9.08 22.42
C MET C 240 0.61 10.14 22.45
N HIS C 241 0.40 11.26 23.17
CA HIS C 241 1.42 12.30 23.33
C HIS C 241 2.35 11.77 24.43
N SER C 242 3.56 11.36 24.05
CA SER C 242 4.52 10.78 24.98
C SER C 242 5.64 11.78 25.27
N PHE C 243 6.13 11.79 26.52
CA PHE C 243 7.21 12.69 27.00
C PHE C 243 7.80 12.23 28.34
N ASN C 244 8.89 12.90 28.78
CA ASN C 244 9.59 12.69 30.05
C ASN C 244 9.21 13.78 31.04
N CYS C 245 9.07 13.42 32.32
CA CYS C 245 8.80 14.35 33.42
C CYS C 245 9.32 13.70 34.70
N GLY C 246 10.38 14.28 35.25
CA GLY C 246 11.06 13.79 36.44
C GLY C 246 11.61 12.38 36.29
N GLY C 247 12.05 12.05 35.08
CA GLY C 247 12.59 10.73 34.73
C GLY C 247 11.55 9.67 34.41
N GLU C 248 10.25 10.00 34.59
CA GLU C 248 9.14 9.08 34.34
C GLU C 248 8.57 9.27 32.93
N PHE C 249 8.20 8.17 32.26
CA PHE C 249 7.65 8.19 30.91
C PHE C 249 6.14 8.32 30.93
N PHE C 250 5.64 9.48 30.51
CA PHE C 250 4.21 9.80 30.50
C PHE C 250 3.60 9.52 29.12
N TYR C 251 2.40 8.90 29.09
CA TYR C 251 1.66 8.60 27.87
C TYR C 251 0.27 9.20 28.01
N CYS C 252 -0.02 10.27 27.25
CA CYS C 252 -1.29 11.00 27.34
C CYS C 252 -2.22 10.78 26.17
N ASN C 253 -3.49 10.47 26.45
CA ASN C 253 -4.49 10.31 25.40
C ASN C 253 -4.83 11.71 24.86
N SER C 254 -4.45 11.97 23.59
CA SER C 254 -4.60 13.28 22.93
C SER C 254 -5.86 13.48 22.08
N THR C 255 -6.85 12.56 22.14
CA THR C 255 -8.11 12.65 21.37
C THR C 255 -8.78 14.03 21.48
N GLN C 256 -8.90 14.58 22.72
CA GLN C 256 -9.52 15.87 23.00
C GLN C 256 -8.83 17.06 22.33
N LEU C 257 -7.51 16.94 22.08
CA LEU C 257 -6.70 17.97 21.42
C LEU C 257 -6.90 17.93 19.91
N PHE C 258 -7.31 16.76 19.37
CA PHE C 258 -7.51 16.58 17.92
C PHE C 258 -8.91 15.99 17.63
N ASN C 259 -9.94 16.84 17.75
CA ASN C 259 -11.35 16.50 17.55
C ASN C 259 -12.12 17.79 17.24
N SER C 260 -11.83 18.40 16.07
CA SER C 260 -12.48 19.64 15.64
C SER C 260 -12.49 19.76 14.12
N THR C 261 -13.52 20.44 13.59
CA THR C 261 -13.67 20.68 12.15
C THR C 261 -13.70 22.19 11.92
N TRP C 262 -12.88 22.69 10.99
CA TRP C 262 -12.75 24.11 10.69
C TRP C 262 -13.11 24.45 9.24
N THR C 263 -14.29 25.04 9.04
CA THR C 263 -14.80 25.46 7.73
C THR C 263 -14.35 26.91 7.50
N TRP C 264 -14.60 27.46 6.29
CA TRP C 264 -14.27 28.86 5.99
C TRP C 264 -15.26 29.76 6.75
N ASN C 265 -14.87 30.16 7.98
CA ASN C 265 -15.65 30.99 8.90
C ASN C 265 -14.72 31.61 9.94
N ASN C 276 -12.91 30.73 30.55
CA ASN C 276 -11.66 30.01 30.29
C ASN C 276 -11.61 28.68 31.07
N ILE C 277 -11.91 27.56 30.39
CA ILE C 277 -11.89 26.20 30.97
C ILE C 277 -10.67 25.39 30.48
N ASN C 278 -10.40 24.24 31.14
CA ASN C 278 -9.27 23.38 30.81
C ASN C 278 -9.66 22.10 30.08
N ILE C 279 -8.73 21.61 29.24
CA ILE C 279 -8.84 20.31 28.57
C ILE C 279 -8.01 19.40 29.48
N THR C 280 -8.63 18.37 30.06
CA THR C 280 -7.95 17.44 30.95
C THR C 280 -7.65 16.14 30.21
N LEU C 281 -6.37 15.91 29.85
CA LEU C 281 -5.98 14.71 29.12
C LEU C 281 -5.70 13.55 30.08
N PRO C 282 -6.34 12.37 29.92
CA PRO C 282 -6.00 11.24 30.81
C PRO C 282 -4.64 10.66 30.44
N CYS C 283 -3.77 10.48 31.45
CA CYS C 283 -2.40 9.98 31.27
C CYS C 283 -2.09 8.75 32.08
N ARG C 284 -0.99 8.07 31.70
CA ARG C 284 -0.47 6.88 32.36
C ARG C 284 1.06 6.92 32.35
N ILE C 285 1.67 6.54 33.48
CA ILE C 285 3.13 6.42 33.56
C ILE C 285 3.40 4.95 33.23
N LYS C 286 4.06 4.69 32.10
CA LYS C 286 4.36 3.33 31.69
C LYS C 286 5.75 2.89 32.13
N GLN C 287 5.91 1.58 32.37
CA GLN C 287 7.18 0.98 32.76
C GLN C 287 7.81 0.21 31.60
N ILE C 288 6.97 -0.30 30.68
CA ILE C 288 7.39 -1.04 29.48
C ILE C 288 7.33 -0.06 28.30
N ILE C 289 8.51 0.33 27.80
CA ILE C 289 8.57 1.30 26.72
C ILE C 289 9.31 0.82 25.47
N ASN C 290 8.86 1.25 24.28
CA ASN C 290 9.54 0.93 23.03
C ASN C 290 10.57 2.02 22.81
N MET C 291 11.85 1.64 22.74
CA MET C 291 12.96 2.58 22.59
C MET C 291 12.98 3.29 21.25
N TRP C 292 13.29 4.59 21.27
CA TRP C 292 13.43 5.44 20.08
C TRP C 292 14.90 5.46 19.56
N GLN C 293 15.90 5.34 20.48
CA GLN C 293 17.35 5.37 20.16
C GLN C 293 17.76 4.20 19.26
N GLU C 294 17.14 3.03 19.49
CA GLU C 294 17.38 1.78 18.77
C GLU C 294 16.15 0.89 18.86
N VAL C 295 16.06 -0.14 17.99
CA VAL C 295 14.97 -1.09 17.99
C VAL C 295 15.06 -1.97 19.24
N GLY C 296 14.05 -1.86 20.09
CA GLY C 296 14.00 -2.64 21.31
C GLY C 296 12.98 -2.20 22.33
N LYS C 297 12.99 -2.88 23.47
CA LYS C 297 12.08 -2.69 24.59
C LYS C 297 12.88 -2.49 25.87
N ALA C 298 12.46 -1.52 26.69
CA ALA C 298 13.10 -1.19 27.96
C ALA C 298 12.06 -1.17 29.08
N MET C 299 12.42 -1.72 30.26
CA MET C 299 11.53 -1.77 31.40
C MET C 299 12.11 -1.01 32.59
N TYR C 300 11.32 -0.08 33.16
CA TYR C 300 11.73 0.73 34.31
C TYR C 300 10.99 0.36 35.60
N ALA C 301 11.54 0.73 36.75
CA ALA C 301 10.94 0.45 38.08
C ALA C 301 9.66 1.30 38.27
N PRO C 302 8.77 0.99 39.25
CA PRO C 302 7.55 1.82 39.42
C PRO C 302 7.85 3.30 39.76
N PRO C 303 6.91 4.26 39.57
CA PRO C 303 7.22 5.67 39.85
C PRO C 303 7.50 6.01 41.31
N ILE C 304 8.31 7.07 41.51
CA ILE C 304 8.71 7.60 42.83
C ILE C 304 7.51 8.17 43.57
N LYS C 305 7.57 8.18 44.92
CA LYS C 305 6.51 8.71 45.76
C LYS C 305 6.47 10.25 45.71
N GLY C 306 5.33 10.83 46.05
CA GLY C 306 5.13 12.27 46.04
C GLY C 306 4.56 12.80 44.74
N GLN C 307 4.45 14.14 44.64
CA GLN C 307 3.91 14.78 43.45
C GLN C 307 4.96 14.90 42.34
N ILE C 308 4.64 14.35 41.17
CA ILE C 308 5.48 14.40 39.96
C ILE C 308 4.77 15.43 39.08
N ARG C 309 5.36 16.62 38.95
CA ARG C 309 4.75 17.73 38.23
C ARG C 309 5.75 18.51 37.37
N CYS C 310 5.35 18.81 36.15
CA CYS C 310 6.09 19.68 35.25
C CYS C 310 5.21 20.48 34.27
N SER C 311 5.62 21.71 33.98
CA SER C 311 4.92 22.61 33.08
C SER C 311 5.80 22.78 31.86
N SER C 312 5.22 22.64 30.67
CA SER C 312 5.95 22.75 29.42
C SER C 312 5.21 23.69 28.48
N ASN C 313 5.95 24.28 27.54
CA ASN C 313 5.36 25.15 26.53
C ASN C 313 5.25 24.37 25.23
N ILE C 314 4.01 24.25 24.69
CA ILE C 314 3.81 23.63 23.38
C ILE C 314 4.24 24.73 22.40
N THR C 315 5.27 24.45 21.60
CA THR C 315 5.83 25.43 20.64
C THR C 315 5.67 24.93 19.20
N GLY C 316 5.17 23.72 19.06
CA GLY C 316 4.95 23.10 17.76
C GLY C 316 4.27 21.75 17.83
N LEU C 317 3.96 21.20 16.64
CA LEU C 317 3.32 19.90 16.50
C LEU C 317 3.72 19.16 15.23
N LEU C 318 3.59 17.82 15.26
CA LEU C 318 3.91 16.97 14.12
C LEU C 318 2.59 16.38 13.63
N LEU C 319 2.25 16.64 12.37
CA LEU C 319 1.00 16.19 11.75
C LEU C 319 1.22 15.36 10.49
N THR C 320 0.25 14.46 10.22
CA THR C 320 0.19 13.62 9.02
C THR C 320 -1.21 13.82 8.44
N ARG C 321 -1.28 14.14 7.14
CA ARG C 321 -2.55 14.35 6.45
C ARG C 321 -3.08 13.02 5.91
N ASP C 322 -4.39 12.79 6.07
CA ASP C 322 -5.07 11.59 5.58
C ASP C 322 -4.98 11.46 4.07
N GLY C 323 -4.61 10.27 3.62
CA GLY C 323 -4.54 9.98 2.19
C GLY C 323 -5.89 9.58 1.64
N GLY C 324 -5.98 9.52 0.32
CA GLY C 324 -7.17 9.08 -0.40
C GLY C 324 -8.34 10.05 -0.44
N SER C 325 -9.43 9.59 -1.04
CA SER C 325 -10.65 10.39 -1.19
C SER C 325 -11.54 10.28 0.05
N SER C 326 -12.52 11.19 0.14
CA SER C 326 -13.52 11.25 1.21
C SER C 326 -14.90 11.24 0.55
N THR C 327 -15.90 10.62 1.22
CA THR C 327 -17.29 10.49 0.71
C THR C 327 -17.94 11.82 0.33
N ASN C 328 -17.67 12.85 1.12
CA ASN C 328 -18.19 14.21 0.95
C ASN C 328 -17.33 15.13 0.09
N GLY C 329 -16.00 14.96 0.17
CA GLY C 329 -15.04 15.81 -0.53
C GLY C 329 -14.89 17.12 0.21
N THR C 330 -14.11 18.08 -0.35
CA THR C 330 -13.88 19.42 0.23
C THR C 330 -13.33 19.46 1.68
N THR C 331 -12.84 18.31 2.22
CA THR C 331 -12.29 18.25 3.58
C THR C 331 -11.01 17.45 3.72
N GLU C 332 -9.98 18.07 4.32
CA GLU C 332 -8.67 17.48 4.57
C GLU C 332 -8.53 17.20 6.06
N THR C 333 -8.17 15.96 6.42
CA THR C 333 -8.02 15.51 7.80
C THR C 333 -6.54 15.43 8.19
N PHE C 334 -6.20 16.00 9.36
CA PHE C 334 -4.83 16.01 9.89
C PHE C 334 -4.85 15.32 11.25
N ARG C 335 -3.89 14.43 11.47
CA ARG C 335 -3.77 13.63 12.68
C ARG C 335 -2.36 13.75 13.26
N PRO C 336 -2.19 13.66 14.60
CA PRO C 336 -0.83 13.76 15.16
C PRO C 336 0.08 12.66 14.62
N GLY C 337 1.29 13.05 14.25
CA GLY C 337 2.30 12.17 13.68
C GLY C 337 3.53 12.04 14.53
N GLY C 338 4.48 11.26 14.03
CA GLY C 338 5.74 10.98 14.70
C GLY C 338 6.39 9.70 14.22
N GLY C 339 7.37 9.25 14.98
CA GLY C 339 8.13 8.04 14.68
C GLY C 339 9.62 8.27 14.57
N ASP C 340 10.01 9.43 13.99
CA ASP C 340 11.41 9.78 13.80
C ASP C 340 11.82 11.00 14.62
N MET C 341 12.68 10.80 15.64
CA MET C 341 13.17 11.87 16.52
C MET C 341 14.02 12.92 15.80
N ARG C 342 14.49 12.62 14.58
CA ARG C 342 15.24 13.56 13.74
C ARG C 342 14.39 14.77 13.38
N ASP C 343 13.06 14.60 13.29
CA ASP C 343 12.11 15.68 13.00
C ASP C 343 11.99 16.68 14.16
N ASN C 344 12.22 16.22 15.42
CA ASN C 344 12.22 17.10 16.59
C ASN C 344 13.46 17.99 16.56
N TRP C 345 14.63 17.45 16.14
CA TRP C 345 15.88 18.22 16.04
C TRP C 345 15.80 19.18 14.86
N ARG C 346 15.17 18.71 13.77
CA ARG C 346 14.92 19.45 12.53
C ARG C 346 14.09 20.70 12.78
N SER C 347 13.10 20.62 13.69
CA SER C 347 12.20 21.72 14.07
C SER C 347 12.94 22.92 14.67
N GLU C 348 14.17 22.69 15.18
CA GLU C 348 15.03 23.72 15.78
C GLU C 348 16.21 24.10 14.90
N LEU C 349 16.75 23.14 14.13
CA LEU C 349 17.94 23.34 13.28
C LEU C 349 17.62 23.78 11.84
N TYR C 350 16.32 23.96 11.51
CA TYR C 350 15.83 24.34 10.18
C TYR C 350 16.46 25.58 9.55
N LYS C 351 16.80 26.57 10.38
CA LYS C 351 17.35 27.85 9.94
C LYS C 351 18.87 27.87 9.76
N TYR C 352 19.57 26.76 10.07
CA TYR C 352 21.02 26.70 9.98
C TYR C 352 21.57 25.78 8.92
N LYS C 353 22.79 26.09 8.43
CA LYS C 353 23.56 25.24 7.54
C LYS C 353 25.06 25.45 7.76
N VAL C 354 25.84 24.37 7.58
CA VAL C 354 27.30 24.41 7.76
C VAL C 354 27.93 24.75 6.42
N VAL C 355 28.89 25.68 6.45
CA VAL C 355 29.58 26.14 5.26
C VAL C 355 31.10 26.22 5.53
N LYS C 356 31.90 26.01 4.48
CA LYS C 356 33.36 26.07 4.56
C LYS C 356 33.79 27.46 4.09
N ILE C 357 34.55 28.17 4.95
CA ILE C 357 35.06 29.53 4.70
C ILE C 357 36.07 29.57 3.54
N GLU C 358 36.88 28.50 3.38
CA GLU C 358 37.90 28.33 2.34
C GLU C 358 37.36 28.55 0.92
C1 NAG D . 9.78 27.52 -0.23
C2 NAG D . 9.23 26.52 -1.24
C3 NAG D . 10.15 26.57 -2.47
C4 NAG D . 10.29 27.99 -2.99
C5 NAG D . 10.78 28.92 -1.87
C6 NAG D . 10.89 30.38 -2.25
C7 NAG D . 8.19 24.37 -0.61
C8 NAG D . 8.41 23.07 0.11
N2 NAG D . 9.26 25.20 -0.64
O3 NAG D . 9.62 25.73 -3.49
O4 NAG D . 11.23 28.02 -4.06
O5 NAG D . 9.87 28.84 -0.76
O6 NAG D . 9.62 30.97 -2.44
O7 NAG D . 7.13 24.65 -1.14
C1 NAG E . -7.04 24.68 35.08
C2 NAG E . -7.92 24.98 36.29
C3 NAG E . -7.12 25.94 37.19
C4 NAG E . -5.81 25.30 37.63
C5 NAG E . -5.01 24.82 36.41
C6 NAG E . -3.83 23.95 36.78
C7 NAG E . -10.38 25.11 36.35
C8 NAG E . -11.59 25.81 35.80
N2 NAG E . -9.19 25.57 35.91
O3 NAG E . -7.90 26.27 38.34
O4 NAG E . -5.04 26.24 38.35
O5 NAG E . -5.85 24.02 35.56
O6 NAG E . -3.16 23.46 35.64
O7 NAG E . -10.46 24.18 37.15
C1 NAG F . -0.07 25.72 35.41
C2 NAG F . 1.39 26.14 35.59
C3 NAG F . 1.43 27.50 36.32
C4 NAG F . 0.53 28.52 35.63
C5 NAG F . -0.91 27.99 35.57
C6 NAG F . -1.85 28.91 34.84
C7 NAG F . 3.31 25.03 36.74
C8 NAG F . 3.70 23.88 37.61
N2 NAG F . 2.00 25.11 36.42
O3 NAG F . 2.75 28.00 36.36
O4 NAG F . 0.55 29.75 36.36
O5 NAG F . -0.92 26.74 34.86
O6 NAG F . -3.19 28.47 34.94
O7 NAG F . 4.14 25.86 36.35
C1 NAG G . 0.88 35.48 15.67
C2 NAG G . -0.39 34.80 15.15
C3 NAG G . -1.43 35.93 15.07
C4 NAG G . -1.62 36.57 16.44
C5 NAG G . -0.29 37.09 16.97
C6 NAG G . -0.36 37.60 18.40
C7 NAG G . -0.95 33.03 13.54
C8 NAG G . -1.03 32.68 12.09
N2 NAG G . -0.28 34.14 13.86
O3 NAG G . -2.67 35.43 14.57
O4 NAG G . -2.56 37.64 16.33
O5 NAG G . 0.69 36.03 16.96
O6 NAG G . 0.90 38.06 18.86
O7 NAG G . -1.52 32.35 14.39
C1 NAG H . 10.06 22.15 29.80
C2 NAG H . 10.27 20.73 30.32
C3 NAG H . 9.86 20.70 31.79
C4 NAG H . 10.67 21.70 32.60
C5 NAG H . 10.51 23.10 32.01
C6 NAG H . 11.45 24.11 32.62
C7 NAG H . 10.02 18.68 28.97
C8 NAG H . 9.03 17.72 28.38
N2 NAG H . 9.50 19.76 29.55
O3 NAG H . 10.05 19.39 32.32
O4 NAG H . 10.25 21.69 33.95
O5 NAG H . 10.80 23.08 30.61
O6 NAG H . 12.79 23.90 32.21
O7 NAG H . 11.23 18.49 28.91
C1 NAG I . -12.11 11.19 12.13
C2 NAG I . -12.20 9.78 12.72
C3 NAG I . -13.38 9.01 12.13
C4 NAG I . -14.66 9.85 12.20
C5 NAG I . -14.42 11.26 11.66
C6 NAG I . -15.68 12.11 11.80
C7 NAG I . -10.85 7.76 12.72
C8 NAG I . -10.88 6.84 11.54
N2 NAG I . -10.96 9.06 12.45
O3 NAG I . -13.57 7.80 12.85
O4 NAG I . -15.69 9.21 11.45
O5 NAG I . -13.35 11.87 12.36
O6 NAG I . -15.36 13.48 11.53
O7 NAG I . -10.71 7.35 13.86
C1 NAG J . -8.41 7.88 23.82
C2 NAG J . -8.16 6.46 23.35
C3 NAG J . -9.28 5.97 22.44
C4 NAG J . -10.64 6.24 23.07
C5 NAG J . -10.75 7.69 23.55
C6 NAG J . -12.08 7.94 24.25
C7 NAG J . -6.04 5.38 22.88
N2 NAG J . -6.89 6.37 22.66
O3 NAG J . -9.14 4.57 22.20
O4 NAG J . -11.68 5.99 22.11
O5 NAG J . -9.68 7.95 24.45
O6 NAG J . -11.97 9.07 25.11
O7 NAG J . -6.19 4.59 23.81
C1 NAG K . -15.49 15.49 20.16
C2 NAG K . -15.87 15.16 21.61
C3 NAG K . -17.38 15.19 21.79
C4 NAG K . -17.99 16.47 21.21
C5 NAG K . -17.47 16.71 19.79
C6 NAG K . -18.01 18.04 19.25
C7 NAG K . -14.54 13.71 23.02
C8 NAG K . -13.07 13.83 22.73
N2 NAG K . -15.35 13.86 21.97
O3 NAG K . -17.70 15.12 23.19
O4 NAG K . -19.41 16.36 21.20
O5 NAG K . -16.05 16.75 19.79
O6 NAG K . -18.20 17.92 17.83
O7 NAG K . -14.96 13.49 24.14
#